data_1KQE
# 
_entry.id   1KQE 
# 
_audit_conform.dict_name       mmcif_pdbx.dic 
_audit_conform.dict_version    5.381 
_audit_conform.dict_location   http://mmcif.pdb.org/dictionaries/ascii/mmcif_pdbx.dic 
# 
loop_
_database_2.database_id 
_database_2.database_code 
_database_2.pdbx_database_accession 
_database_2.pdbx_DOI 
PDB   1KQE         pdb_00001kqe 10.2210/pdb1kqe/pdb 
RCSB  RCSB015229   ?            ?                   
WWPDB D_1000015229 ?            ?                   
# 
loop_
_pdbx_database_related.db_name 
_pdbx_database_related.db_id 
_pdbx_database_related.content_type 
_pdbx_database_related.details 
PDB 1TK2 unspecified 'CRYSTAL STRUCTURE OF GRAMICIDIN S COMPLEXED WITH ALKALINE PROTEINASE SAVINASE' 
PDB 2XDC unspecified 'CRYSTAL STRUCTURE OF GRAMICIDIN A FROM CRYSTALS GROWN IN A LIPID CUBIC PHASE.' 
PDB 1AV2 unspecified 'CRYSTAL STRUCTURE OF GRAMICIDIN A COMPLEXED WITH CESIUM CHLORIDE' 
PDB 1BDW unspecified 'CRYSTAL STRUCTURE OF GRAMICIDIN A FROM BACILLUS BREVIS' 
PDB 1C4D unspecified 'CRYSTAL STRUCTURE OF GRAMICIDIN A COMPLEXED WITH CESIUM CHLORIDE' 
PDB 1GMK unspecified 'CRYSTAL STRUCTURE OF GRAMICIDIN A COMPLRXED WITH POTASSIUM THIOCYANATE' 
PDB 1GRM unspecified 'SOLUTION STRUCTURE OF THE GRAMICIDIN A' 
PDB 1JNO unspecified 'SOLUTION STRUCTURE OF GRAMICIDIN A IN SODIUM DODECYL SULFATE MICELLES' 
PDB 1MAG unspecified 'SOLID STATE NMR STRUCTURE OF GRAMICIDIN A IN HYDRATED DMPC BILAYERS,' 
PDB 1MIC unspecified 'SOLUTION STRUCTURE OF GRAMICIDIN A IN METHANOL IN THE PRESENCE OF CACL' 
PDB 1NG8 unspecified 'SOLUTION STRUCTURE OF GRAMICIDIN A (W15G) IN SODIUM DODECYL SULFATE MICELLES' 
PDB 1NRM unspecified 'SOLUTION STRUCTURE OF GRAMICIDIN A IN DODECYL PHOSPHOCHOLINE MICELLES' 
PDB 1NRU unspecified 'SOLUTION STRUCTURE OF GRAMICIDIN A IN DODECYL PHOSPHOCHOLINE MICELLES IN THE PRESENCE OF EXCESS NA+' 
PDB 1NT5 unspecified 'SOLUTION STRUCTURE OF GRAMICIDIN A (V1F) IN SODIUM DODECYL SULFATE MICELLES' 
PDB 1JO3 unspecified 'SOLUTION STRUCTURE OF GRAMICIDIN B IN SODIUM DODECYL SULFATE MICELLES' 
PDB 1JO4 unspecified 'SOLUTION STRUCTURE OF GRAMICIDIN C IN SODIUM DODECYL SULFATE MICELLES' 
PDB 1NT6 unspecified 'SOLUTION STRUCTURE OF F1-GRAMICIDIN C IN SODIUM DODECYL SULFATE MICELLES' 
PDB 1TKQ unspecified 
'SOLUTION STRUCTURE OF A LINKED UNSYMMETRIC GRAMICIDIN A IN A MEMBRANE-ISOELECTRICAL SOLVENTS MIXTURE, IN THE PRESENCE OF CSCL' 
PDB 1W5U unspecified 'CRYSTAL STRUCTURE OF GRAMICIDIN D IN ETHANOL' 
PDB 2IZQ unspecified 'CRYSTAL STRUCTURE OF GRAMICIDIN D COMPLEX WITH KI IN METHANOL' 
PDB 3L8L unspecified 'CRYSTAL STRUCTURE OF GRAMICIDIN D COMPLEX WITH NAI' 
PDB 1AL4 unspecified 'CRYSTAL STRUCTURE OF GRAMICIDIN D IN N-PROPANOL' 
PDB 1ALX unspecified 'CRYSTAL STRUCTURE OF GRAMICIDIN D IN METHANOL' 
PDB 1ALZ unspecified 'CRYSTAL STRUCTURE OF GRAMICIDIN D IN ETHANOL' 
# 
_pdbx_database_status.status_code                     REL 
_pdbx_database_status.entry_id                        1KQE 
_pdbx_database_status.recvd_initial_deposition_date   2002-01-05 
_pdbx_database_status.deposit_site                    RCSB 
_pdbx_database_status.process_site                    RCSB 
_pdbx_database_status.status_code_mr                  REL 
_pdbx_database_status.SG_entry                        . 
_pdbx_database_status.status_code_sf                  ? 
_pdbx_database_status.status_code_cs                  ? 
_pdbx_database_status.methods_development_category    ? 
_pdbx_database_status.pdb_format_compatible           Y 
_pdbx_database_status.status_code_nmr_data            ? 
# 
loop_
_audit_author.name 
_audit_author.pdbx_ordinal 
'Arndt, H.D.'    1 
'Bockelmann, D.' 2 
'Knoll, A.'      3 
'Lamberth, S.'   4 
'Griesinger, C.' 5 
'Koert, U.'      6 
# 
_citation.id                        primary 
_citation.title                     'Cation Control in Functional Helical Programming: Structures of a D,L-Peptide Ion Channel' 
_citation.journal_abbrev            Angew.Chem.Int.Ed.Engl. 
_citation.journal_volume            41 
_citation.page_first                4062 
_citation.page_last                 ? 
_citation.year                      2002 
_citation.journal_id_ASTM           ? 
_citation.country                   GE 
_citation.journal_id_ISSN           1433-7851 
_citation.journal_id_CSD            9999 
_citation.book_publisher            ? 
_citation.pdbx_database_id_PubMed   12412082 
_citation.pdbx_database_id_DOI      '10.1002/1521-3773(20021104)41:21<4062::AID-ANIE4062>3.0.CO;2-U' 
# 
loop_
_citation_author.citation_id 
_citation_author.name 
_citation_author.ordinal 
_citation_author.identifier_ORCID 
primary 'Arndt, H.D.'    1 ? 
primary 'Bockelmann, D.' 2 ? 
primary 'Knoll, A.'      3 ? 
primary 'Lamberth, S.'   4 ? 
primary 'Griesinger, C.' 5 ? 
primary 'Koert, U.'      6 ? 
# 
_cell.entry_id           1KQE 
_cell.length_a           1.000 
_cell.length_b           1.000 
_cell.length_c           1.000 
_cell.angle_alpha        90.00 
_cell.angle_beta         90.00 
_cell.angle_gamma        90.00 
_cell.Z_PDB              1 
_cell.pdbx_unique_axis   ? 
# 
_symmetry.entry_id                         1KQE 
_symmetry.space_group_name_H-M             'P 1' 
_symmetry.pdbx_full_space_group_name_H-M   ? 
_symmetry.cell_setting                     ? 
_symmetry.Int_Tables_number                1 
# 
loop_
_entity.id 
_entity.type 
_entity.src_method 
_entity.pdbx_description 
_entity.formula_weight 
_entity.pdbx_number_of_molecules 
_entity.pdbx_ec 
_entity.pdbx_mutation 
_entity.pdbx_fragment 
_entity.details 
1 polymer syn 'MINI-GRAMICIDIN A' 1613.939 2 ? ? ? 'GRAMICIDIN A RESIDUES 5-16' 
2 polymer syn 'MINI-GRAMICIDIN A' 1513.866 2 ? ? ? 'GRAMICIDIN A RESIDUES 5-16' 
# 
loop_
_entity_poly.entity_id 
_entity_poly.type 
_entity_poly.nstd_linkage 
_entity_poly.nstd_monomer 
_entity_poly.pdbx_seq_one_letter_code 
_entity_poly.pdbx_seq_one_letter_code_can 
_entity_poly.pdbx_strand_id 
_entity_poly.pdbx_target_identifier 
1 'polypeptide(L)' no yes '(X5P)(DVA)V(DVA)W(DLE)W(DLE)W(DLE)W(ETA)' AVVVWLWLWLWX A,D ? 
2 'polypeptide(L)' no yes 'A(DVA)V(DVA)W(DLE)W(DLE)W(DLE)W(ETA)'     AVVVWLWLWLWX B,E ? 
# 
loop_
_entity_poly_seq.entity_id 
_entity_poly_seq.num 
_entity_poly_seq.mon_id 
_entity_poly_seq.hetero 
1 1  X5P n 
1 2  DVA n 
1 3  VAL n 
1 4  DVA n 
1 5  TRP n 
1 6  DLE n 
1 7  TRP n 
1 8  DLE n 
1 9  TRP n 
1 10 DLE n 
1 11 TRP n 
1 12 ETA n 
2 1  ALA n 
2 2  DVA n 
2 3  VAL n 
2 4  DVA n 
2 5  TRP n 
2 6  DLE n 
2 7  TRP n 
2 8  DLE n 
2 9  TRP n 
2 10 DLE n 
2 11 TRP n 
2 12 ETA n 
# 
loop_
_pdbx_entity_src_syn.entity_id 
_pdbx_entity_src_syn.pdbx_src_id 
_pdbx_entity_src_syn.pdbx_alt_source_flag 
_pdbx_entity_src_syn.pdbx_beg_seq_num 
_pdbx_entity_src_syn.pdbx_end_seq_num 
_pdbx_entity_src_syn.organism_scientific 
_pdbx_entity_src_syn.organism_common_name 
_pdbx_entity_src_syn.ncbi_taxonomy_id 
_pdbx_entity_src_syn.details 
1 1 sample 1 12 'Brevibacillus brevis' ? 1393 ? 
2 1 sample 1 12 'Brevibacillus brevis' ? 1393 ? 
# 
loop_
_struct_ref.id 
_struct_ref.db_name 
_struct_ref.db_code 
_struct_ref.pdbx_db_accession 
_struct_ref.pdbx_db_isoform 
_struct_ref.entity_id 
_struct_ref.pdbx_seq_one_letter_code 
_struct_ref.pdbx_align_begin 
1 PDB 1KQE 1KQE ? 1 ? 1 
2 PDB 1KQE 1KQE ? 2 ? 1 
# 
loop_
_struct_ref_seq.align_id 
_struct_ref_seq.ref_id 
_struct_ref_seq.pdbx_PDB_id_code 
_struct_ref_seq.pdbx_strand_id 
_struct_ref_seq.seq_align_beg 
_struct_ref_seq.pdbx_seq_align_beg_ins_code 
_struct_ref_seq.seq_align_end 
_struct_ref_seq.pdbx_seq_align_end_ins_code 
_struct_ref_seq.pdbx_db_accession 
_struct_ref_seq.db_align_beg 
_struct_ref_seq.pdbx_db_align_beg_ins_code 
_struct_ref_seq.db_align_end 
_struct_ref_seq.pdbx_db_align_end_ins_code 
_struct_ref_seq.pdbx_auth_seq_align_beg 
_struct_ref_seq.pdbx_auth_seq_align_end 
1 1 1KQE A 1 ? 12 ? 1KQE 5 ? 16 ? 5 16 
2 2 1KQE B 1 ? 12 ? 1KQE 5 ? 16 ? 5 16 
3 1 1KQE D 1 ? 12 ? 1KQE 5 ? 16 ? 5 16 
4 2 1KQE E 1 ? 12 ? 1KQE 5 ? 16 ? 5 16 
# 
loop_
_chem_comp.id 
_chem_comp.type 
_chem_comp.mon_nstd_flag 
_chem_comp.name 
_chem_comp.pdbx_synonyms 
_chem_comp.formula 
_chem_comp.formula_weight 
ALA 'L-peptide linking'               y ALANINE                                                                                  ? 
'C3 H7 N O2'    89.093  
DLE 'D-peptide linking'               . D-LEUCINE                                                                                ? 
'C6 H13 N O2'   131.173 
DVA 'D-peptide linking'               . D-VALINE                                                                                 ? 
'C5 H11 N O2'   117.146 
ETA 'L-peptide COOH carboxy terminus' . ETHANOLAMINE                                                                             ? 
'C2 H7 N O'     61.083  
TRP 'L-peptide linking'               y TRYPTOPHAN                                                                               ? 
'C11 H12 N2 O2' 204.225 
VAL 'L-peptide linking'               y VALINE                                                                                   ? 
'C5 H11 N O2'   117.146 
X5P 'L-peptide NH3 amino terminus'    n '4-oxidanylidene-4-[[(2~{S})-1-oxidanyl-1-oxidanylidene-propan-2-yl]amino]butanoic acid' ? 
'C7 H11 N O5'   189.166 
# 
loop_
_pdbx_nmr_exptl.experiment_id 
_pdbx_nmr_exptl.conditions_id 
_pdbx_nmr_exptl.type 
_pdbx_nmr_exptl.solution_id 
1 1 DQF-COSY   1 
2 1 '2D NOESY' 1 
# 
_pdbx_nmr_exptl_sample_conditions.conditions_id       1 
_pdbx_nmr_exptl_sample_conditions.temperature         293 
_pdbx_nmr_exptl_sample_conditions.pressure_units      ? 
_pdbx_nmr_exptl_sample_conditions.pressure            ? 
_pdbx_nmr_exptl_sample_conditions.pH                  ? 
_pdbx_nmr_exptl_sample_conditions.ionic_strength      ? 
_pdbx_nmr_exptl_sample_conditions.temperature_units   K 
# 
_pdbx_nmr_spectrometer.spectrometer_id   1 
_pdbx_nmr_spectrometer.model             AMX 
_pdbx_nmr_spectrometer.manufacturer      Bruker 
_pdbx_nmr_spectrometer.field_strength    600 
_pdbx_nmr_spectrometer.type              ? 
# 
_pdbx_nmr_refine.entry_id           1KQE 
_pdbx_nmr_refine.method             'simulated annealing' 
_pdbx_nmr_refine.details            ? 
_pdbx_nmr_refine.software_ordinal   1 
# 
_pdbx_nmr_details.entry_id   1KQE 
_pdbx_nmr_details.text       
;MINIMIZED AVERAGE STRUCTURE CALCULATED FROM THE SIXTEEN ENERGETICALLY FAVOURED STRUCTURES OUT OF THE TOTAL 200 CALCULATED STRUCTURES
;
# 
_pdbx_nmr_ensemble.entry_id                                      1KQE 
_pdbx_nmr_ensemble.conformers_calculated_total_number            200 
_pdbx_nmr_ensemble.conformers_submitted_total_number             1 
_pdbx_nmr_ensemble.conformer_selection_criteria                  ? 
_pdbx_nmr_ensemble.average_constraints_per_residue               ? 
_pdbx_nmr_ensemble.average_constraint_violations_per_residue     ? 
_pdbx_nmr_ensemble.maximum_distance_constraint_violation         ? 
_pdbx_nmr_ensemble.average_distance_constraint_violation         ? 
_pdbx_nmr_ensemble.maximum_upper_distance_constraint_violation   ? 
_pdbx_nmr_ensemble.maximum_lower_distance_constraint_violation   ? 
_pdbx_nmr_ensemble.distance_constraint_violation_method          ? 
_pdbx_nmr_ensemble.maximum_torsion_angle_constraint_violation    ? 
_pdbx_nmr_ensemble.average_torsion_angle_constraint_violation    ? 
_pdbx_nmr_ensemble.torsion_angle_constraint_violation_method     ? 
# 
_pdbx_nmr_representative.entry_id             1KQE 
_pdbx_nmr_representative.conformer_id         ? 
_pdbx_nmr_representative.selection_criteria   'closest to the average' 
# 
loop_
_pdbx_nmr_software.classification 
_pdbx_nmr_software.name 
_pdbx_nmr_software.version 
_pdbx_nmr_software.authors 
_pdbx_nmr_software.ordinal 
refinement           X-PLOR ? BRUNGER 1 
'structure solution' X-PLOR ? ?       2 
# 
_exptl.entry_id          1KQE 
_exptl.method            'SOLUTION NMR' 
_exptl.crystals_number   ? 
# 
_exptl_crystal.id                    1 
_exptl_crystal.density_meas          ? 
_exptl_crystal.density_Matthews      ? 
_exptl_crystal.density_percent_sol   ? 
_exptl_crystal.description           ? 
# 
_diffrn.id                     1 
_diffrn.ambient_temp           ? 
_diffrn.ambient_temp_details   ? 
_diffrn.crystal_id             1 
# 
_diffrn_radiation.diffrn_id                        1 
_diffrn_radiation.wavelength_id                    1 
_diffrn_radiation.pdbx_monochromatic_or_laue_m_l   M 
_diffrn_radiation.monochromator                    ? 
_diffrn_radiation.pdbx_diffrn_protocol             'SINGLE WAVELENGTH' 
_diffrn_radiation.pdbx_scattering_type             x-ray 
# 
_diffrn_radiation_wavelength.id           1 
_diffrn_radiation_wavelength.wavelength   . 
_diffrn_radiation_wavelength.wt           1.0 
# 
_struct.entry_id                  1KQE 
_struct.title                     'Solution structure of a linked shortened gramicidin A in benzene/acetone 10:1' 
_struct.pdbx_model_details        ? 
_struct.pdbx_CASP_flag            ? 
_struct.pdbx_model_type_details   ? 
# 
_struct_keywords.entry_id        1KQE 
_struct_keywords.pdbx_keywords   ANTIBIOTIC 
_struct_keywords.text            
'GRAMICIDIN, ANTIFUNGAL, ANTIBACTERIAL, ANTIBIOTIC, MEMBRANE ION CHANNEL, LINEAR GRAMICIDIN, METAL TRANSPORT' 
# 
loop_
_struct_asym.id 
_struct_asym.pdbx_blank_PDB_chainid_flag 
_struct_asym.pdbx_modified 
_struct_asym.entity_id 
_struct_asym.details 
A N N 1 ? 
B N N 2 ? 
C N N 1 ? 
D N N 2 ? 
# 
loop_
_struct_conn.id 
_struct_conn.conn_type_id 
_struct_conn.pdbx_leaving_atom_flag 
_struct_conn.pdbx_PDB_id 
_struct_conn.ptnr1_label_asym_id 
_struct_conn.ptnr1_label_comp_id 
_struct_conn.ptnr1_label_seq_id 
_struct_conn.ptnr1_label_atom_id 
_struct_conn.pdbx_ptnr1_label_alt_id 
_struct_conn.pdbx_ptnr1_PDB_ins_code 
_struct_conn.pdbx_ptnr1_standard_comp_id 
_struct_conn.ptnr1_symmetry 
_struct_conn.ptnr2_label_asym_id 
_struct_conn.ptnr2_label_comp_id 
_struct_conn.ptnr2_label_seq_id 
_struct_conn.ptnr2_label_atom_id 
_struct_conn.pdbx_ptnr2_label_alt_id 
_struct_conn.pdbx_ptnr2_PDB_ins_code 
_struct_conn.ptnr1_auth_asym_id 
_struct_conn.ptnr1_auth_comp_id 
_struct_conn.ptnr1_auth_seq_id 
_struct_conn.ptnr2_auth_asym_id 
_struct_conn.ptnr2_auth_comp_id 
_struct_conn.ptnr2_auth_seq_id 
_struct_conn.ptnr2_symmetry 
_struct_conn.pdbx_ptnr3_label_atom_id 
_struct_conn.pdbx_ptnr3_label_seq_id 
_struct_conn.pdbx_ptnr3_label_comp_id 
_struct_conn.pdbx_ptnr3_label_asym_id 
_struct_conn.pdbx_ptnr3_label_alt_id 
_struct_conn.pdbx_ptnr3_PDB_ins_code 
_struct_conn.details 
_struct_conn.pdbx_dist_value 
_struct_conn.pdbx_value_order 
_struct_conn.pdbx_role 
covale1  covale both ? A X5P 1  C1 ? ? ? 1_555 B ALA 1  N ? ? A X5P 5  B ALA 5  1_555 ? ? ? ? ? ? ? 1.341 ? ? 
covale2  covale both ? A DVA 2  C  ? ? ? 1_555 A VAL 3  N ? ? A DVA 6  A VAL 7  1_555 ? ? ? ? ? ? ? 1.326 ? ? 
covale3  covale both ? A VAL 3  C  ? ? ? 1_555 A DVA 4  N ? ? A VAL 7  A DVA 8  1_555 ? ? ? ? ? ? ? 1.329 ? ? 
covale4  covale both ? A DVA 4  C  ? ? ? 1_555 A TRP 5  N ? ? A DVA 8  A TRP 9  1_555 ? ? ? ? ? ? ? 1.320 ? ? 
covale5  covale both ? A TRP 5  C  ? ? ? 1_555 A DLE 6  N ? ? A TRP 9  A DLE 10 1_555 ? ? ? ? ? ? ? 1.320 ? ? 
covale6  covale both ? A DLE 6  C  ? ? ? 1_555 A TRP 7  N ? ? A DLE 10 A TRP 11 1_555 ? ? ? ? ? ? ? 1.317 ? ? 
covale7  covale both ? A TRP 7  C  ? ? ? 1_555 A DLE 8  N ? ? A TRP 11 A DLE 12 1_555 ? ? ? ? ? ? ? 1.331 ? ? 
covale8  covale both ? A DLE 8  C  ? ? ? 1_555 A TRP 9  N ? ? A DLE 12 A TRP 13 1_555 ? ? ? ? ? ? ? 1.309 ? ? 
covale9  covale both ? A TRP 9  C  ? ? ? 1_555 A DLE 10 N ? ? A TRP 13 A DLE 14 1_555 ? ? ? ? ? ? ? 1.306 ? ? 
covale10 covale both ? A DLE 10 C  ? ? ? 1_555 A TRP 11 N ? ? A DLE 14 A TRP 15 1_555 ? ? ? ? ? ? ? 1.322 ? ? 
covale11 covale both ? A TRP 11 C  ? ? ? 1_555 A ETA 12 N ? ? A TRP 15 A ETA 16 1_555 ? ? ? ? ? ? ? 1.339 ? ? 
covale12 covale both ? B ALA 1  C  ? ? ? 1_555 B DVA 2  N ? ? B ALA 5  B DVA 6  1_555 ? ? ? ? ? ? ? 1.329 ? ? 
covale13 covale both ? B DVA 2  C  ? ? ? 1_555 B VAL 3  N ? ? B DVA 6  B VAL 7  1_555 ? ? ? ? ? ? ? 1.328 ? ? 
covale14 covale both ? B VAL 3  C  ? ? ? 1_555 B DVA 4  N ? ? B VAL 7  B DVA 8  1_555 ? ? ? ? ? ? ? 1.330 ? ? 
covale15 covale both ? B DVA 4  C  ? ? ? 1_555 B TRP 5  N ? ? B DVA 8  B TRP 9  1_555 ? ? ? ? ? ? ? 1.318 ? ? 
covale16 covale both ? B TRP 5  C  ? ? ? 1_555 B DLE 6  N ? ? B TRP 9  B DLE 10 1_555 ? ? ? ? ? ? ? 1.327 ? ? 
covale17 covale both ? B DLE 6  C  ? ? ? 1_555 B TRP 7  N ? ? B DLE 10 B TRP 11 1_555 ? ? ? ? ? ? ? 1.319 ? ? 
covale18 covale both ? B TRP 7  C  ? ? ? 1_555 B DLE 8  N ? ? B TRP 11 B DLE 12 1_555 ? ? ? ? ? ? ? 1.321 ? ? 
covale19 covale both ? B DLE 8  C  ? ? ? 1_555 B TRP 9  N ? ? B DLE 12 B TRP 13 1_555 ? ? ? ? ? ? ? 1.313 ? ? 
covale20 covale both ? B TRP 9  C  ? ? ? 1_555 B DLE 10 N ? ? B TRP 13 B DLE 14 1_555 ? ? ? ? ? ? ? 1.310 ? ? 
covale21 covale both ? B DLE 10 C  ? ? ? 1_555 B TRP 11 N ? ? B DLE 14 B TRP 15 1_555 ? ? ? ? ? ? ? 1.326 ? ? 
covale22 covale both ? B TRP 11 C  ? ? ? 1_555 B ETA 12 N ? ? B TRP 15 B ETA 16 1_555 ? ? ? ? ? ? ? 1.338 ? ? 
covale23 covale both ? C X5P 1  C1 ? ? ? 1_555 D ALA 1  N ? ? D X5P 5  E ALA 5  1_555 ? ? ? ? ? ? ? 1.340 ? ? 
covale24 covale both ? C DVA 2  C  ? ? ? 1_555 C VAL 3  N ? ? D DVA 6  D VAL 7  1_555 ? ? ? ? ? ? ? 1.327 ? ? 
covale25 covale both ? C VAL 3  C  ? ? ? 1_555 C DVA 4  N ? ? D VAL 7  D DVA 8  1_555 ? ? ? ? ? ? ? 1.330 ? ? 
covale26 covale both ? C DVA 4  C  ? ? ? 1_555 C TRP 5  N ? ? D DVA 8  D TRP 9  1_555 ? ? ? ? ? ? ? 1.318 ? ? 
covale27 covale both ? C TRP 5  C  ? ? ? 1_555 C DLE 6  N ? ? D TRP 9  D DLE 10 1_555 ? ? ? ? ? ? ? 1.327 ? ? 
covale28 covale both ? C DLE 6  C  ? ? ? 1_555 C TRP 7  N ? ? D DLE 10 D TRP 11 1_555 ? ? ? ? ? ? ? 1.320 ? ? 
covale29 covale both ? C TRP 7  C  ? ? ? 1_555 C DLE 8  N ? ? D TRP 11 D DLE 12 1_555 ? ? ? ? ? ? ? 1.323 ? ? 
covale30 covale both ? C DLE 8  C  ? ? ? 1_555 C TRP 9  N ? ? D DLE 12 D TRP 13 1_555 ? ? ? ? ? ? ? 1.314 ? ? 
covale31 covale both ? C TRP 9  C  ? ? ? 1_555 C DLE 10 N ? ? D TRP 13 D DLE 14 1_555 ? ? ? ? ? ? ? 1.311 ? ? 
covale32 covale both ? C DLE 10 C  ? ? ? 1_555 C TRP 11 N ? ? D DLE 14 D TRP 15 1_555 ? ? ? ? ? ? ? 1.326 ? ? 
covale33 covale both ? C TRP 11 C  ? ? ? 1_555 C ETA 12 N ? ? D TRP 15 D ETA 16 1_555 ? ? ? ? ? ? ? 1.340 ? ? 
covale34 covale both ? D ALA 1  C  ? ? ? 1_555 D DVA 2  N ? ? E ALA 5  E DVA 6  1_555 ? ? ? ? ? ? ? 1.328 ? ? 
covale35 covale both ? D DVA 2  C  ? ? ? 1_555 D VAL 3  N ? ? E DVA 6  E VAL 7  1_555 ? ? ? ? ? ? ? 1.328 ? ? 
covale36 covale both ? D VAL 3  C  ? ? ? 1_555 D DVA 4  N ? ? E VAL 7  E DVA 8  1_555 ? ? ? ? ? ? ? 1.328 ? ? 
covale37 covale both ? D DVA 4  C  ? ? ? 1_555 D TRP 5  N ? ? E DVA 8  E TRP 9  1_555 ? ? ? ? ? ? ? 1.319 ? ? 
covale38 covale both ? D TRP 5  C  ? ? ? 1_555 D DLE 6  N ? ? E TRP 9  E DLE 10 1_555 ? ? ? ? ? ? ? 1.322 ? ? 
covale39 covale both ? D DLE 6  C  ? ? ? 1_555 D TRP 7  N ? ? E DLE 10 E TRP 11 1_555 ? ? ? ? ? ? ? 1.315 ? ? 
covale40 covale both ? D TRP 7  C  ? ? ? 1_555 D DLE 8  N ? ? E TRP 11 E DLE 12 1_555 ? ? ? ? ? ? ? 1.329 ? ? 
covale41 covale both ? D DLE 8  C  ? ? ? 1_555 D TRP 9  N ? ? E DLE 12 E TRP 13 1_555 ? ? ? ? ? ? ? 1.312 ? ? 
covale42 covale both ? D TRP 9  C  ? ? ? 1_555 D DLE 10 N ? ? E TRP 13 E DLE 14 1_555 ? ? ? ? ? ? ? 1.305 ? ? 
covale43 covale both ? D DLE 10 C  ? ? ? 1_555 D TRP 11 N ? ? E DLE 14 E TRP 15 1_555 ? ? ? ? ? ? ? 1.319 ? ? 
covale44 covale both ? D TRP 11 C  ? ? ? 1_555 D ETA 12 N ? ? E TRP 15 E ETA 16 1_555 ? ? ? ? ? ? ? 1.339 ? ? 
# 
_struct_conn_type.id          covale 
_struct_conn_type.criteria    ? 
_struct_conn_type.reference   ? 
# 
loop_
_struct_sheet.id 
_struct_sheet.type 
_struct_sheet.number_strands 
_struct_sheet.details 
AA ? 2 ? 
BA ? 2 ? 
# 
loop_
_struct_sheet_order.sheet_id 
_struct_sheet_order.range_id_1 
_struct_sheet_order.range_id_2 
_struct_sheet_order.offset 
_struct_sheet_order.sense 
AA 1 2 ? anti-parallel 
BA 1 2 ? anti-parallel 
# 
loop_
_struct_sheet_range.sheet_id 
_struct_sheet_range.id 
_struct_sheet_range.beg_label_comp_id 
_struct_sheet_range.beg_label_asym_id 
_struct_sheet_range.beg_label_seq_id 
_struct_sheet_range.pdbx_beg_PDB_ins_code 
_struct_sheet_range.end_label_comp_id 
_struct_sheet_range.end_label_asym_id 
_struct_sheet_range.end_label_seq_id 
_struct_sheet_range.pdbx_end_PDB_ins_code 
_struct_sheet_range.beg_auth_comp_id 
_struct_sheet_range.beg_auth_asym_id 
_struct_sheet_range.beg_auth_seq_id 
_struct_sheet_range.end_auth_comp_id 
_struct_sheet_range.end_auth_asym_id 
_struct_sheet_range.end_auth_seq_id 
AA 1 DVA A 2 ? DLE A 10 ? DVA A 6 DLE A 14 
AA 2 DVA D 2 ? DLE D 10 ? DVA E 6 DLE E 14 
BA 1 DVA B 2 ? DLE B 10 ? DVA B 6 DLE B 14 
BA 2 DVA C 2 ? DLE C 10 ? DVA D 6 DLE D 14 
# 
loop_
_pdbx_struct_sheet_hbond.sheet_id 
_pdbx_struct_sheet_hbond.range_id_1 
_pdbx_struct_sheet_hbond.range_id_2 
_pdbx_struct_sheet_hbond.range_1_label_atom_id 
_pdbx_struct_sheet_hbond.range_1_label_comp_id 
_pdbx_struct_sheet_hbond.range_1_label_asym_id 
_pdbx_struct_sheet_hbond.range_1_label_seq_id 
_pdbx_struct_sheet_hbond.range_1_PDB_ins_code 
_pdbx_struct_sheet_hbond.range_1_auth_atom_id 
_pdbx_struct_sheet_hbond.range_1_auth_comp_id 
_pdbx_struct_sheet_hbond.range_1_auth_asym_id 
_pdbx_struct_sheet_hbond.range_1_auth_seq_id 
_pdbx_struct_sheet_hbond.range_2_label_atom_id 
_pdbx_struct_sheet_hbond.range_2_label_comp_id 
_pdbx_struct_sheet_hbond.range_2_label_asym_id 
_pdbx_struct_sheet_hbond.range_2_label_seq_id 
_pdbx_struct_sheet_hbond.range_2_PDB_ins_code 
_pdbx_struct_sheet_hbond.range_2_auth_atom_id 
_pdbx_struct_sheet_hbond.range_2_auth_comp_id 
_pdbx_struct_sheet_hbond.range_2_auth_asym_id 
_pdbx_struct_sheet_hbond.range_2_auth_seq_id 
AA 1 2 O DVA A 4 ? O DVA A 8 N VAL D 3 ? N VAL E 7 
BA 1 2 O DVA B 4 ? O DVA B 8 N VAL C 3 ? N VAL D 7 
# 
loop_
_struct_site.id 
_struct_site.pdbx_evidence_code 
_struct_site.pdbx_auth_asym_id 
_struct_site.pdbx_auth_comp_id 
_struct_site.pdbx_auth_seq_id 
_struct_site.pdbx_auth_ins_code 
_struct_site.pdbx_num_residues 
_struct_site.details 
AC1 Software ? ? ? ? 23 'BINDING SITE FOR CHAINS A AND B OF A LINKED GRAMICIDIN' 
AC2 Software ? ? ? ? 23 'BINDING SITE FOR CHAINS D AND E OF A LINKED GRAMICIDIN' 
# 
loop_
_struct_site_gen.id 
_struct_site_gen.site_id 
_struct_site_gen.pdbx_num_res 
_struct_site_gen.label_comp_id 
_struct_site_gen.label_asym_id 
_struct_site_gen.label_seq_id 
_struct_site_gen.pdbx_auth_ins_code 
_struct_site_gen.auth_comp_id 
_struct_site_gen.auth_asym_id 
_struct_site_gen.auth_seq_id 
_struct_site_gen.label_atom_id 
_struct_site_gen.label_alt_id 
_struct_site_gen.symmetry 
_struct_site_gen.details 
1  AC1 23 DVA C 2  ? DVA D 6  . ? 1_555 ? 
2  AC1 23 VAL C 3  ? VAL D 7  . ? 1_555 ? 
3  AC1 23 DVA C 4  ? DVA D 8  . ? 1_555 ? 
4  AC1 23 TRP C 5  ? TRP D 9  . ? 1_555 ? 
5  AC1 23 DLE C 6  ? DLE D 10 . ? 1_555 ? 
6  AC1 23 TRP C 7  ? TRP D 11 . ? 1_555 ? 
7  AC1 23 DLE C 8  ? DLE D 12 . ? 1_555 ? 
8  AC1 23 TRP C 9  ? TRP D 13 . ? 1_555 ? 
9  AC1 23 DLE C 10 ? DLE D 14 . ? 1_555 ? 
10 AC1 23 TRP C 11 ? TRP D 15 . ? 1_555 ? 
11 AC1 23 ETA C 12 ? ETA D 16 . ? 1_555 ? 
12 AC1 23 ALA D 1  ? ALA E 5  . ? 1_555 ? 
13 AC1 23 DVA D 2  ? DVA E 6  . ? 1_555 ? 
14 AC1 23 VAL D 3  ? VAL E 7  . ? 1_555 ? 
15 AC1 23 DVA D 4  ? DVA E 8  . ? 1_555 ? 
16 AC1 23 TRP D 5  ? TRP E 9  . ? 1_555 ? 
17 AC1 23 DLE D 6  ? DLE E 10 . ? 1_555 ? 
18 AC1 23 TRP D 7  ? TRP E 11 . ? 1_555 ? 
19 AC1 23 DLE D 8  ? DLE E 12 . ? 1_555 ? 
20 AC1 23 TRP D 9  ? TRP E 13 . ? 1_555 ? 
21 AC1 23 DLE D 10 ? DLE E 14 . ? 1_555 ? 
22 AC1 23 TRP D 11 ? TRP E 15 . ? 1_555 ? 
23 AC1 23 ETA D 12 ? ETA E 16 . ? 1_555 ? 
24 AC2 23 DVA A 2  ? DVA A 6  . ? 1_555 ? 
25 AC2 23 VAL A 3  ? VAL A 7  . ? 1_555 ? 
26 AC2 23 DVA A 4  ? DVA A 8  . ? 1_555 ? 
27 AC2 23 TRP A 5  ? TRP A 9  . ? 1_555 ? 
28 AC2 23 DLE A 6  ? DLE A 10 . ? 1_555 ? 
29 AC2 23 TRP A 7  ? TRP A 11 . ? 1_555 ? 
30 AC2 23 DLE A 8  ? DLE A 12 . ? 1_555 ? 
31 AC2 23 TRP A 9  ? TRP A 13 . ? 1_555 ? 
32 AC2 23 DLE A 10 ? DLE A 14 . ? 1_555 ? 
33 AC2 23 TRP A 11 ? TRP A 15 . ? 1_555 ? 
34 AC2 23 ETA A 12 ? ETA A 16 . ? 1_555 ? 
35 AC2 23 ALA B 1  ? ALA B 5  . ? 1_555 ? 
36 AC2 23 DVA B 2  ? DVA B 6  . ? 1_555 ? 
37 AC2 23 VAL B 3  ? VAL B 7  . ? 1_555 ? 
38 AC2 23 DVA B 4  ? DVA B 8  . ? 1_555 ? 
39 AC2 23 TRP B 5  ? TRP B 9  . ? 1_555 ? 
40 AC2 23 DLE B 6  ? DLE B 10 . ? 1_555 ? 
41 AC2 23 TRP B 7  ? TRP B 11 . ? 1_555 ? 
42 AC2 23 DLE B 8  ? DLE B 12 . ? 1_555 ? 
43 AC2 23 TRP B 9  ? TRP B 13 . ? 1_555 ? 
44 AC2 23 DLE B 10 ? DLE B 14 . ? 1_555 ? 
45 AC2 23 TRP B 11 ? TRP B 15 . ? 1_555 ? 
46 AC2 23 ETA B 12 ? ETA B 16 . ? 1_555 ? 
# 
_atom_sites.entry_id                    1KQE 
_atom_sites.fract_transf_matrix[1][1]   1.000000 
_atom_sites.fract_transf_matrix[1][2]   0.000000 
_atom_sites.fract_transf_matrix[1][3]   0.000000 
_atom_sites.fract_transf_matrix[2][1]   0.000000 
_atom_sites.fract_transf_matrix[2][2]   1.000000 
_atom_sites.fract_transf_matrix[2][3]   0.000000 
_atom_sites.fract_transf_matrix[3][1]   0.000000 
_atom_sites.fract_transf_matrix[3][2]   0.000000 
_atom_sites.fract_transf_matrix[3][3]   1.000000 
_atom_sites.fract_transf_vector[1]      0.00000 
_atom_sites.fract_transf_vector[2]      0.00000 
_atom_sites.fract_transf_vector[3]      0.00000 
# 
loop_
_atom_type.symbol 
C 
H 
N 
O 
# 
loop_
_atom_site.group_PDB 
_atom_site.id 
_atom_site.type_symbol 
_atom_site.label_atom_id 
_atom_site.label_alt_id 
_atom_site.label_comp_id 
_atom_site.label_asym_id 
_atom_site.label_entity_id 
_atom_site.label_seq_id 
_atom_site.pdbx_PDB_ins_code 
_atom_site.Cartn_x 
_atom_site.Cartn_y 
_atom_site.Cartn_z 
_atom_site.occupancy 
_atom_site.B_iso_or_equiv 
_atom_site.pdbx_formal_charge 
_atom_site.auth_seq_id 
_atom_site.auth_comp_id 
_atom_site.auth_asym_id 
_atom_site.auth_atom_id 
_atom_site.pdbx_PDB_model_num 
HETATM 1   N N    . X5P A 1 1  ? -0.809  1.207  -2.495  1.00 0.00 ? 5  X5P A N    1 
HETATM 2   C CA   . X5P A 1 1  ? -1.558  0.326  -3.391  1.00 0.00 ? 5  X5P A CA   1 
HETATM 3   C C    . X5P A 1 1  ? -0.611  -0.388 -4.346  1.00 0.00 ? 5  X5P A C    1 
HETATM 4   O O    . X5P A 1 1  ? -0.773  -0.329 -5.564  1.00 0.00 ? 5  X5P A O    1 
HETATM 5   C CB   . X5P A 1 1  ? -2.599  1.118  -4.167  1.00 0.00 ? 5  X5P A CB   1 
HETATM 6   C C1   . X5P A 1 1  ? 0.112   3.405  1.805   1.00 0.00 ? 5  X5P A C1   1 
HETATM 7   O O1   . X5P A 1 1  ? 1.117   4.032  1.472   1.00 0.00 ? 5  X5P A O1   1 
HETATM 8   C C2   . X5P A 1 1  ? -0.915  2.913  0.762   1.00 0.00 ? 5  X5P A C2   1 
HETATM 9   C C3   . X5P A 1 1  ? -0.162  2.275  -0.422  1.00 0.00 ? 5  X5P A C3   1 
HETATM 10  C C4   . X5P A 1 1  ? -1.085  1.294  -1.186  1.00 0.00 ? 5  X5P A C4   1 
HETATM 11  O O3   . X5P A 1 1  ? -1.972  0.655  -0.616  1.00 0.00 ? 5  X5P A O3   1 
HETATM 12  H H    . X5P A 1 1  ? -0.077  1.744  -2.873  1.00 0.00 ? 5  X5P A H    1 
HETATM 13  H HA   . X5P A 1 1  ? -2.073  -0.416 -2.795  1.00 0.00 ? 5  X5P A HA   1 
HETATM 14  H HB2  . X5P A 1 1  ? -2.143  1.546  -5.047  1.00 0.00 ? 5  X5P A HB2  1 
HETATM 15  H HB1  . X5P A 1 1  ? -2.989  1.910  -3.543  1.00 0.00 ? 5  X5P A HB1  1 
HETATM 16  H HB3  . X5P A 1 1  ? -3.405  0.462  -4.461  1.00 0.00 ? 5  X5P A HB3  1 
HETATM 17  H H21  . X5P A 1 1  ? -1.559  2.187  1.210   1.00 0.00 ? 5  X5P A H21  1 
HETATM 18  H H22  . X5P A 1 1  ? -1.494  3.742  0.414   1.00 0.00 ? 5  X5P A H22  1 
HETATM 19  H H31  . X5P A 1 1  ? 0.165   3.045  -1.090  1.00 0.00 ? 5  X5P A H31  1 
HETATM 20  H H32  . X5P A 1 1  ? 0.691   1.743  -0.053  1.00 0.00 ? 5  X5P A H32  1 
HETATM 21  N N    . DVA A 1 2  ? 0.381   -1.062 -3.775  1.00 0.00 ? 6  DVA A N    1 
HETATM 22  C CA   . DVA A 1 2  ? 1.368   -1.796 -4.564  1.00 0.00 ? 6  DVA A CA   1 
HETATM 23  C CB   . DVA A 1 2  ? 1.117   -3.336 -4.524  1.00 0.00 ? 6  DVA A CB   1 
HETATM 24  C CG1  . DVA A 1 2  ? 1.647   -3.985 -3.242  1.00 0.00 ? 6  DVA A CG1  1 
HETATM 25  C CG2  . DVA A 1 2  ? -0.366  -3.659 -4.693  1.00 0.00 ? 6  DVA A CG2  1 
HETATM 26  C C    . DVA A 1 2  ? 2.784   -1.484 -4.093  1.00 0.00 ? 6  DVA A C    1 
HETATM 27  O O    . DVA A 1 2  ? 3.057   -1.436 -2.894  1.00 0.00 ? 6  DVA A O    1 
HETATM 28  H H    . DVA A 1 2  ? 0.449   -1.068 -2.797  1.00 0.00 ? 6  DVA A H    1 
HETATM 29  H HA   . DVA A 1 2  ? 1.277   -1.468 -5.595  1.00 0.00 ? 6  DVA A HA   1 
HETATM 30  H HB   . DVA A 1 2  ? 1.649   -3.776 -5.357  1.00 0.00 ? 6  DVA A HB   1 
HETATM 31  H HG11 . DVA A 1 2  ? 2.635   -3.612 -3.021  1.00 0.00 ? 6  DVA A HG11 1 
HETATM 32  H HG12 . DVA A 1 2  ? 0.984   -3.759 -2.419  1.00 0.00 ? 6  DVA A HG12 1 
HETATM 33  H HG13 . DVA A 1 2  ? 1.690   -5.055 -3.377  1.00 0.00 ? 6  DVA A HG13 1 
HETATM 34  H HG21 . DVA A 1 2  ? -0.966  -2.842 -4.319  1.00 0.00 ? 6  DVA A HG21 1 
HETATM 35  H HG22 . DVA A 1 2  ? -0.587  -3.820 -5.740  1.00 0.00 ? 6  DVA A HG22 1 
HETATM 36  H HG23 . DVA A 1 2  ? -0.601  -4.556 -4.138  1.00 0.00 ? 6  DVA A HG23 1 
ATOM   37  N N    . VAL A 1 3  ? 3.681   -1.286 -5.049  1.00 0.00 ? 7  VAL A N    1 
ATOM   38  C CA   . VAL A 1 3  ? 5.072   -0.994 -4.748  1.00 0.00 ? 7  VAL A CA   1 
ATOM   39  C C    . VAL A 1 3  ? 5.654   -0.124 -5.860  1.00 0.00 ? 7  VAL A C    1 
ATOM   40  O O    . VAL A 1 3  ? 6.296   -0.622 -6.784  1.00 0.00 ? 7  VAL A O    1 
ATOM   41  C CB   . VAL A 1 3  ? 5.866   -2.322 -4.579  1.00 0.00 ? 7  VAL A CB   1 
ATOM   42  C CG1  . VAL A 1 3  ? 7.342   -2.188 -4.936  1.00 0.00 ? 7  VAL A CG1  1 
ATOM   43  C CG2  . VAL A 1 3  ? 5.715   -2.839 -3.156  1.00 0.00 ? 7  VAL A CG2  1 
ATOM   44  H H    . VAL A 1 3  ? 3.404   -1.348 -5.990  1.00 0.00 ? 7  VAL A H    1 
ATOM   45  H HA   . VAL A 1 3  ? 5.106   -0.455 -3.813  1.00 0.00 ? 7  VAL A HA   1 
ATOM   46  H HB   . VAL A 1 3  ? 5.433   -3.052 -5.245  1.00 0.00 ? 7  VAL A HB   1 
ATOM   47  H HG11 . VAL A 1 3  ? 7.629   -1.149 -4.905  1.00 0.00 ? 7  VAL A HG11 1 
ATOM   48  H HG12 . VAL A 1 3  ? 7.935   -2.749 -4.231  1.00 0.00 ? 7  VAL A HG12 1 
ATOM   49  H HG13 . VAL A 1 3  ? 7.499   -2.579 -5.932  1.00 0.00 ? 7  VAL A HG13 1 
ATOM   50  H HG21 . VAL A 1 3  ? 4.667   -2.917 -2.910  1.00 0.00 ? 7  VAL A HG21 1 
ATOM   51  H HG22 . VAL A 1 3  ? 6.177   -3.814 -3.077  1.00 0.00 ? 7  VAL A HG22 1 
ATOM   52  H HG23 . VAL A 1 3  ? 6.195   -2.157 -2.471  1.00 0.00 ? 7  VAL A HG23 1 
HETATM 53  N N    . DVA A 1 4  ? 5.382   1.176  -5.795  1.00 0.00 ? 8  DVA A N    1 
HETATM 54  C CA   . DVA A 1 4  ? 5.846   2.088  -6.829  1.00 0.00 ? 8  DVA A CA   1 
HETATM 55  C CB   . DVA A 1 4  ? 6.969   3.066  -6.340  1.00 0.00 ? 8  DVA A CB   1 
HETATM 56  C CG1  . DVA A 1 4  ? 6.424   4.424  -5.903  1.00 0.00 ? 8  DVA A CG1  1 
HETATM 57  C CG2  . DVA A 1 4  ? 7.811   2.443  -5.229  1.00 0.00 ? 8  DVA A CG2  1 
HETATM 58  C C    . DVA A 1 4  ? 4.671   2.857  -7.434  1.00 0.00 ? 8  DVA A C    1 
HETATM 59  O O    . DVA A 1 4  ? 3.513   2.514  -7.219  1.00 0.00 ? 8  DVA A O    1 
HETATM 60  H H    . DVA A 1 4  ? 4.823   1.517  -5.061  1.00 0.00 ? 8  DVA A H    1 
HETATM 61  H HA   . DVA A 1 4  ? 6.266   1.484  -7.608  1.00 0.00 ? 8  DVA A HA   1 
HETATM 62  H HB   . DVA A 1 4  ? 7.626   3.242  -7.180  1.00 0.00 ? 8  DVA A HB   1 
HETATM 63  H HG11 . DVA A 1 4  ? 5.383   4.321  -5.638  1.00 0.00 ? 8  DVA A HG11 1 
HETATM 64  H HG12 . DVA A 1 4  ? 6.982   4.781  -5.053  1.00 0.00 ? 8  DVA A HG12 1 
HETATM 65  H HG13 . DVA A 1 4  ? 6.520   5.129  -6.725  1.00 0.00 ? 8  DVA A HG13 1 
HETATM 66  H HG21 . DVA A 1 4  ? 7.679   1.371  -5.222  1.00 0.00 ? 8  DVA A HG21 1 
HETATM 67  H HG22 . DVA A 1 4  ? 8.853   2.673  -5.401  1.00 0.00 ? 8  DVA A HG22 1 
HETATM 68  H HG23 . DVA A 1 4  ? 7.511   2.851  -4.276  1.00 0.00 ? 8  DVA A HG23 1 
ATOM   69  N N    . TRP A 1 5  ? 4.993   3.916  -8.155  1.00 0.00 ? 9  TRP A N    1 
ATOM   70  C CA   . TRP A 1 5  ? 4.015   4.778  -8.767  1.00 0.00 ? 9  TRP A CA   1 
ATOM   71  C C    . TRP A 1 5  ? 3.660   4.331  -10.180 1.00 0.00 ? 9  TRP A C    1 
ATOM   72  O O    . TRP A 1 5  ? 3.946   5.038  -11.146 1.00 0.00 ? 9  TRP A O    1 
ATOM   73  C CB   . TRP A 1 5  ? 4.606   6.166  -8.823  1.00 0.00 ? 9  TRP A CB   1 
ATOM   74  C CG   . TRP A 1 5  ? 3.598   7.233  -9.111  1.00 0.00 ? 9  TRP A CG   1 
ATOM   75  C CD1  . TRP A 1 5  ? 3.427   7.922  -10.274 1.00 0.00 ? 9  TRP A CD1  1 
ATOM   76  C CD2  . TRP A 1 5  ? 2.608   7.714  -8.212  1.00 0.00 ? 9  TRP A CD2  1 
ATOM   77  N NE1  . TRP A 1 5  ? 2.397   8.824  -10.139 1.00 0.00 ? 9  TRP A NE1  1 
ATOM   78  C CE2  . TRP A 1 5  ? 1.875   8.710  -8.879  1.00 0.00 ? 9  TRP A CE2  1 
ATOM   79  C CE3  . TRP A 1 5  ? 2.281   7.394  -6.905  1.00 0.00 ? 9  TRP A CE3  1 
ATOM   80  C CZ2  . TRP A 1 5  ? 0.825   9.393  -8.272  1.00 0.00 ? 9  TRP A CZ2  1 
ATOM   81  C CZ3  . TRP A 1 5  ? 1.239   8.067  -6.295  1.00 0.00 ? 9  TRP A CZ3  1 
ATOM   82  C CH2  . TRP A 1 5  ? 0.519   9.058  -6.980  1.00 0.00 ? 9  TRP A CH2  1 
ATOM   83  H H    . TRP A 1 5  ? 5.930   4.151  -8.248  1.00 0.00 ? 9  TRP A H    1 
ATOM   84  H HA   . TRP A 1 5  ? 3.136   4.805  -8.140  1.00 0.00 ? 9  TRP A HA   1 
ATOM   85  H HB2  . TRP A 1 5  ? 5.082   6.383  -7.878  1.00 0.00 ? 9  TRP A HB2  1 
ATOM   86  H HB3  . TRP A 1 5  ? 5.345   6.182  -9.588  1.00 0.00 ? 9  TRP A HB3  1 
ATOM   87  H HD1  . TRP A 1 5  ? 4.025   7.776  -11.159 1.00 0.00 ? 9  TRP A HD1  1 
ATOM   88  H HE1  . TRP A 1 5  ? 2.086   9.443  -10.832 1.00 0.00 ? 9  TRP A HE1  1 
ATOM   89  H HE3  . TRP A 1 5  ? 2.831   6.633  -6.373  1.00 0.00 ? 9  TRP A HE3  1 
ATOM   90  H HZ2  . TRP A 1 5  ? 0.264   10.158 -8.786  1.00 0.00 ? 9  TRP A HZ2  1 
ATOM   91  H HZ3  . TRP A 1 5  ? 0.965   7.828  -5.280  1.00 0.00 ? 9  TRP A HZ3  1 
ATOM   92  H HH2  . TRP A 1 5  ? -0.287  9.559  -6.467  1.00 0.00 ? 9  TRP A HH2  1 
HETATM 93  N N    . DLE A 1 6  ? 3.023   3.181  -10.304 1.00 0.00 ? 10 DLE A N    1 
HETATM 94  C CA   . DLE A 1 6  ? 2.621   2.682  -11.615 1.00 0.00 ? 10 DLE A CA   1 
HETATM 95  C CB   . DLE A 1 6  ? 1.132   2.955  -11.831 1.00 0.00 ? 10 DLE A CB   1 
HETATM 96  C CG   . DLE A 1 6  ? 0.645   4.293  -11.265 1.00 0.00 ? 10 DLE A CG   1 
HETATM 97  C CD1  . DLE A 1 6  ? 0.680   5.371  -12.337 1.00 0.00 ? 10 DLE A CD1  1 
HETATM 98  C CD2  . DLE A 1 6  ? -0.756  4.161  -10.687 1.00 0.00 ? 10 DLE A CD2  1 
HETATM 99  C C    . DLE A 1 6  ? 2.929   1.194  -11.749 1.00 0.00 ? 10 DLE A C    1 
HETATM 100 O O    . DLE A 1 6  ? 2.568   0.410  -10.900 1.00 0.00 ? 10 DLE A O    1 
HETATM 101 H H    . DLE A 1 6  ? 2.798   2.669  -9.503  1.00 0.00 ? 10 DLE A H    1 
HETATM 102 H HA   . DLE A 1 6  ? 3.182   3.228  -12.350 1.00 0.00 ? 10 DLE A HA   1 
HETATM 103 H HB2  . DLE A 1 6  ? 0.934   2.942  -12.892 1.00 0.00 ? 10 DLE A HB2  1 
HETATM 104 H HB3  . DLE A 1 6  ? 0.568   2.164  -11.364 1.00 0.00 ? 10 DLE A HB3  1 
HETATM 105 H HG   . DLE A 1 6  ? 1.306   4.600  -10.468 1.00 0.00 ? 10 DLE A HG   1 
HETATM 106 H HD11 . DLE A 1 6  ? 0.818   4.913  -13.306 1.00 0.00 ? 10 DLE A HD11 1 
HETATM 107 H HD12 . DLE A 1 6  ? -0.252  5.918  -12.328 1.00 0.00 ? 10 DLE A HD12 1 
HETATM 108 H HD13 . DLE A 1 6  ? 1.497   6.050  -12.139 1.00 0.00 ? 10 DLE A HD13 1 
HETATM 109 H HD21 . DLE A 1 6  ? -0.742  3.461  -9.865  1.00 0.00 ? 10 DLE A HD21 1 
HETATM 110 H HD22 . DLE A 1 6  ? -1.089  5.125  -10.331 1.00 0.00 ? 10 DLE A HD22 1 
HETATM 111 H HD23 . DLE A 1 6  ? -1.429  3.807  -11.453 1.00 0.00 ? 10 DLE A HD23 1 
ATOM   112 N N    . TRP A 1 7  ? 3.608   0.795  -12.804 1.00 0.00 ? 11 TRP A N    1 
ATOM   113 C CA   . TRP A 1 7  ? 3.948   -0.611 -12.955 1.00 0.00 ? 11 TRP A CA   1 
ATOM   114 C C    . TRP A 1 7  ? 5.201   -0.768 -13.808 1.00 0.00 ? 11 TRP A C    1 
ATOM   115 O O    . TRP A 1 7  ? 5.204   -0.432 -14.985 1.00 0.00 ? 11 TRP A O    1 
ATOM   116 C CB   . TRP A 1 7  ? 2.778   -1.395 -13.533 1.00 0.00 ? 11 TRP A CB   1 
ATOM   117 C CG   . TRP A 1 7  ? 2.732   -2.792 -13.000 1.00 0.00 ? 11 TRP A CG   1 
ATOM   118 C CD1  . TRP A 1 7  ? 3.677   -3.739 -13.185 1.00 0.00 ? 11 TRP A CD1  1 
ATOM   119 C CD2  . TRP A 1 7  ? 1.724   -3.385 -12.177 1.00 0.00 ? 11 TRP A CD2  1 
ATOM   120 N NE1  . TRP A 1 7  ? 3.309   -4.911 -12.569 1.00 0.00 ? 11 TRP A NE1  1 
ATOM   121 C CE2  . TRP A 1 7  ? 2.112   -4.717 -11.939 1.00 0.00 ? 11 TRP A CE2  1 
ATOM   122 C CE3  . TRP A 1 7  ? 0.527   -2.927 -11.632 1.00 0.00 ? 11 TRP A CE3  1 
ATOM   123 C CZ2  . TRP A 1 7  ? 1.342   -5.593 -11.179 1.00 0.00 ? 11 TRP A CZ2  1 
ATOM   124 C CZ3  . TRP A 1 7  ? -0.236  -3.794 -10.875 1.00 0.00 ? 11 TRP A CZ3  1 
ATOM   125 C CH2  . TRP A 1 7  ? 0.172   -5.116 -10.656 1.00 0.00 ? 11 TRP A CH2  1 
ATOM   126 H H    . TRP A 1 7  ? 3.892   1.442  -13.485 1.00 0.00 ? 11 TRP A H    1 
ATOM   127 H HA   . TRP A 1 7  ? 4.160   -0.997 -11.966 1.00 0.00 ? 11 TRP A HA   1 
ATOM   128 H HB2  . TRP A 1 7  ? 1.853   -0.901 -13.271 1.00 0.00 ? 11 TRP A HB2  1 
ATOM   129 H HB3  . TRP A 1 7  ? 2.869   -1.444 -14.610 1.00 0.00 ? 11 TRP A HB3  1 
ATOM   130 H HD1  . TRP A 1 7  ? 4.571   -3.575 -13.747 1.00 0.00 ? 11 TRP A HD1  1 
ATOM   131 H HE1  . TRP A 1 7  ? 3.823   -5.745 -12.577 1.00 0.00 ? 11 TRP A HE1  1 
ATOM   132 H HE3  . TRP A 1 7  ? 0.208   -1.912 -11.779 1.00 0.00 ? 11 TRP A HE3  1 
ATOM   133 H HZ2  . TRP A 1 7  ? 1.644   -6.615 -11.003 1.00 0.00 ? 11 TRP A HZ2  1 
ATOM   134 H HZ3  . TRP A 1 7  ? -1.168  -3.455 -10.445 1.00 0.00 ? 11 TRP A HZ3  1 
ATOM   135 H HH2  . TRP A 1 7  ? -0.456  -5.760 -10.058 1.00 0.00 ? 11 TRP A HH2  1 
HETATM 136 N N    . DLE A 1 8  ? 6.285   -1.219 -13.180 1.00 0.00 ? 12 DLE A N    1 
HETATM 137 C CA   . DLE A 1 8  ? 7.570   -1.350 -13.866 1.00 0.00 ? 12 DLE A CA   1 
HETATM 138 C CB   . DLE A 1 8  ? 8.411   -2.502 -13.310 1.00 0.00 ? 12 DLE A CB   1 
HETATM 139 C CG   . DLE A 1 8  ? 7.748   -3.908 -13.250 1.00 0.00 ? 12 DLE A CG   1 
HETATM 140 C CD1  . DLE A 1 8  ? 8.732   -4.918 -12.670 1.00 0.00 ? 12 DLE A CD1  1 
HETATM 141 C CD2  . DLE A 1 8  ? 7.226   -4.416 -14.608 1.00 0.00 ? 12 DLE A CD2  1 
HETATM 142 C C    . DLE A 1 8  ? 8.323   -0.053 -13.671 1.00 0.00 ? 12 DLE A C    1 
HETATM 143 O O    . DLE A 1 8  ? 8.492   0.416  -12.550 1.00 0.00 ? 12 DLE A O    1 
HETATM 144 H H    . DLE A 1 8  ? 6.231   -1.419 -12.221 1.00 0.00 ? 12 DLE A H    1 
HETATM 145 H HA   . DLE A 1 8  ? 7.399   -1.485 -14.922 1.00 0.00 ? 12 DLE A HA   1 
HETATM 146 H HB2  . DLE A 1 8  ? 9.324   -2.563 -13.887 1.00 0.00 ? 12 DLE A HB2  1 
HETATM 147 H HB3  . DLE A 1 8  ? 8.684   -2.220 -12.306 1.00 0.00 ? 12 DLE A HB3  1 
HETATM 148 H HG   . DLE A 1 8  ? 6.904   -3.859 -12.578 1.00 0.00 ? 12 DLE A HG   1 
HETATM 149 H HD11 . DLE A 1 8  ? 9.743   -4.559 -12.801 1.00 0.00 ? 12 DLE A HD11 1 
HETATM 150 H HD12 . DLE A 1 8  ? 8.535   -5.053 -11.617 1.00 0.00 ? 12 DLE A HD12 1 
HETATM 151 H HD13 . DLE A 1 8  ? 8.621   -5.864 -13.179 1.00 0.00 ? 12 DLE A HD13 1 
HETATM 152 H HD21 . DLE A 1 8  ? 8.016   -4.408 -15.349 1.00 0.00 ? 12 DLE A HD21 1 
HETATM 153 H HD22 . DLE A 1 8  ? 6.872   -5.431 -14.490 1.00 0.00 ? 12 DLE A HD22 1 
HETATM 154 H HD23 . DLE A 1 8  ? 6.404   -3.802 -14.947 1.00 0.00 ? 12 DLE A HD23 1 
ATOM   155 N N    . TRP A 1 9  ? 8.749   0.540  -14.757 1.00 0.00 ? 13 TRP A N    1 
ATOM   156 C CA   . TRP A 1 9  ? 9.450   1.805  -14.673 1.00 0.00 ? 13 TRP A CA   1 
ATOM   157 C C    . TRP A 1 9  ? 9.439   2.515  -16.007 1.00 0.00 ? 13 TRP A C    1 
ATOM   158 O O    . TRP A 1 9  ? 10.178  2.184  -16.929 1.00 0.00 ? 13 TRP A O    1 
ATOM   159 C CB   . TRP A 1 9  ? 10.859  1.610  -14.187 1.00 0.00 ? 13 TRP A CB   1 
ATOM   160 C CG   . TRP A 1 9  ? 11.349  2.762  -13.380 1.00 0.00 ? 13 TRP A CG   1 
ATOM   161 C CD1  . TRP A 1 9  ? 12.059  3.832  -13.823 1.00 0.00 ? 13 TRP A CD1  1 
ATOM   162 C CD2  . TRP A 1 9  ? 11.142  2.961  -11.990 1.00 0.00 ? 13 TRP A CD2  1 
ATOM   163 N NE1  . TRP A 1 9  ? 12.330  4.682  -12.776 1.00 0.00 ? 13 TRP A NE1  1 
ATOM   164 C CE2  . TRP A 1 9  ? 11.771  4.164  -11.634 1.00 0.00 ? 13 TRP A CE2  1 
ATOM   165 C CE3  . TRP A 1 9  ? 10.487  2.223  -11.015 1.00 0.00 ? 13 TRP A CE3  1 
ATOM   166 C CZ2  . TRP A 1 9  ? 11.761  4.649  -10.328 1.00 0.00 ? 13 TRP A CZ2  1 
ATOM   167 C CZ3  . TRP A 1 9  ? 10.472  2.698  -9.717  1.00 0.00 ? 13 TRP A CZ3  1 
ATOM   168 C CH2  . TRP A 1 9  ? 11.107  3.903  -9.383  1.00 0.00 ? 13 TRP A CH2  1 
ATOM   169 H H    . TRP A 1 9  ? 8.575   0.128  -15.631 1.00 0.00 ? 13 TRP A H    1 
ATOM   170 H HA   . TRP A 1 9  ? 8.921   2.419  -13.959 1.00 0.00 ? 13 TRP A HA   1 
ATOM   171 H HB2  . TRP A 1 9  ? 10.904  0.721  -13.574 1.00 0.00 ? 13 TRP A HB2  1 
ATOM   172 H HB3  . TRP A 1 9  ? 11.493  1.497  -15.032 1.00 0.00 ? 13 TRP A HB3  1 
ATOM   173 H HD1  . TRP A 1 9  ? 12.361  3.970  -14.847 1.00 0.00 ? 13 TRP A HD1  1 
ATOM   174 H HE1  . TRP A 1 9  ? 12.834  5.520  -12.836 1.00 0.00 ? 13 TRP A HE1  1 
ATOM   175 H HE3  . TRP A 1 9  ? 9.991   1.298  -11.268 1.00 0.00 ? 13 TRP A HE3  1 
ATOM   176 H HZ2  . TRP A 1 9  ? 12.247  5.575  -10.057 1.00 0.00 ? 13 TRP A HZ2  1 
ATOM   177 H HZ3  . TRP A 1 9  ? 9.967   2.138  -8.943  1.00 0.00 ? 13 TRP A HZ3  1 
ATOM   178 H HH2  . TRP A 1 9  ? 11.072  4.238  -8.356  1.00 0.00 ? 13 TRP A HH2  1 
HETATM 179 N N    . DLE A 1 10 ? 8.562   3.480  -16.086 1.00 0.00 ? 14 DLE A N    1 
HETATM 180 C CA   . DLE A 1 10 ? 8.360   4.260  -17.289 1.00 0.00 ? 14 DLE A CA   1 
HETATM 181 C CB   . DLE A 1 10 ? 8.285   5.753  -16.950 1.00 0.00 ? 14 DLE A CB   1 
HETATM 182 C CG   . DLE A 1 10 ? 9.476   6.299  -16.156 1.00 0.00 ? 14 DLE A CG   1 
HETATM 183 C CD1  . DLE A 1 10 ? 9.035   7.452  -15.268 1.00 0.00 ? 14 DLE A CD1  1 
HETATM 184 C CD2  . DLE A 1 10 ? 10.596  6.742  -17.087 1.00 0.00 ? 14 DLE A CD2  1 
HETATM 185 C C    . DLE A 1 10 ? 7.074   3.784  -17.956 1.00 0.00 ? 14 DLE A C    1 
HETATM 186 O O    . DLE A 1 10 ? 6.460   2.831  -17.485 1.00 0.00 ? 14 DLE A O    1 
HETATM 187 H H    . DLE A 1 10 ? 8.012   3.659  -15.303 1.00 0.00 ? 14 DLE A H    1 
HETATM 188 H HA   . DLE A 1 10 ? 9.190   4.077  -17.956 1.00 0.00 ? 14 DLE A HA   1 
HETATM 189 H HB2  . DLE A 1 10 ? 8.206   6.310  -17.872 1.00 0.00 ? 14 DLE A HB2  1 
HETATM 190 H HB3  . DLE A 1 10 ? 7.390   5.921  -16.368 1.00 0.00 ? 14 DLE A HB3  1 
HETATM 191 H HG   . DLE A 1 10 ? 9.862   5.518  -15.518 1.00 0.00 ? 14 DLE A HG   1 
HETATM 192 H HD11 . DLE A 1 10 ? 8.361   8.092  -15.818 1.00 0.00 ? 14 DLE A HD11 1 
HETATM 193 H HD12 . DLE A 1 10 ? 8.529   7.064  -14.396 1.00 0.00 ? 14 DLE A HD12 1 
HETATM 194 H HD13 . DLE A 1 10 ? 9.899   8.021  -14.957 1.00 0.00 ? 14 DLE A HD13 1 
HETATM 195 H HD21 . DLE A 1 10 ? 10.180  7.026  -18.042 1.00 0.00 ? 14 DLE A HD21 1 
HETATM 196 H HD22 . DLE A 1 10 ? 11.108  7.588  -16.652 1.00 0.00 ? 14 DLE A HD22 1 
HETATM 197 H HD23 . DLE A 1 10 ? 11.295  5.930  -17.224 1.00 0.00 ? 14 DLE A HD23 1 
ATOM   198 N N    . TRP A 1 11 ? 6.669   4.419  -19.043 1.00 0.00 ? 15 TRP A N    1 
ATOM   199 C CA   . TRP A 1 11 ? 5.451   4.003  -19.733 1.00 0.00 ? 15 TRP A CA   1 
ATOM   200 C C    . TRP A 1 11 ? 5.780   2.949  -20.788 1.00 0.00 ? 15 TRP A C    1 
ATOM   201 O O    . TRP A 1 11 ? 6.531   2.009  -20.500 1.00 0.00 ? 15 TRP A O    1 
ATOM   202 C CB   . TRP A 1 11 ? 4.747   5.205  -20.372 1.00 0.00 ? 15 TRP A CB   1 
ATOM   203 C CG   . TRP A 1 11 ? 4.872   6.468  -19.573 1.00 0.00 ? 15 TRP A CG   1 
ATOM   204 C CD1  . TRP A 1 11 ? 5.988   7.235  -19.435 1.00 0.00 ? 15 TRP A CD1  1 
ATOM   205 C CD2  . TRP A 1 11 ? 3.848   7.108  -18.801 1.00 0.00 ? 15 TRP A CD2  1 
ATOM   206 N NE1  . TRP A 1 11 ? 5.724   8.320  -18.638 1.00 0.00 ? 15 TRP A NE1  1 
ATOM   207 C CE2  . TRP A 1 11 ? 4.416   8.267  -18.236 1.00 0.00 ? 15 TRP A CE2  1 
ATOM   208 C CE3  . TRP A 1 11 ? 2.507   6.820  -18.536 1.00 0.00 ? 15 TRP A CE3  1 
ATOM   209 C CZ2  . TRP A 1 11 ? 3.691   9.134  -17.425 1.00 0.00 ? 15 TRP A CZ2  1 
ATOM   210 C CZ3  . TRP A 1 11 ? 1.787   7.681  -17.731 1.00 0.00 ? 15 TRP A CZ3  1 
ATOM   211 C CH2  . TRP A 1 11 ? 2.379   8.827  -17.184 1.00 0.00 ? 15 TRP A CH2  1 
ATOM   212 H H    . TRP A 1 11 ? 7.194   5.165  -19.390 1.00 0.00 ? 15 TRP A H    1 
ATOM   213 H HA   . TRP A 1 11 ? 4.789   3.564  -18.998 1.00 0.00 ? 15 TRP A HA   1 
ATOM   214 H HB2  . TRP A 1 11 ? 5.171   5.384  -21.348 1.00 0.00 ? 15 TRP A HB2  1 
ATOM   215 H HB3  . TRP A 1 11 ? 3.697   4.980  -20.477 1.00 0.00 ? 15 TRP A HB3  1 
ATOM   216 H HD1  . TRP A 1 11 ? 6.934   7.006  -19.892 1.00 0.00 ? 15 TRP A HD1  1 
ATOM   217 H HE1  . TRP A 1 11 ? 6.367   9.021  -18.398 1.00 0.00 ? 15 TRP A HE1  1 
ATOM   218 H HE3  . TRP A 1 11 ? 2.035   5.939  -18.946 1.00 0.00 ? 15 TRP A HE3  1 
ATOM   219 H HZ2  . TRP A 1 11 ? 4.133   10.022 -16.997 1.00 0.00 ? 15 TRP A HZ2  1 
ATOM   220 H HZ3  . TRP A 1 11 ? 0.749   7.474  -17.514 1.00 0.00 ? 15 TRP A HZ3  1 
ATOM   221 H HH2  . TRP A 1 11 ? 1.779   9.470  -16.559 1.00 0.00 ? 15 TRP A HH2  1 
HETATM 222 C CA   . ETA A 1 12 ? 4.909   1.778  -22.714 1.00 0.00 ? 16 ETA A CA   1 
HETATM 223 N N    . ETA A 1 12 ? 4.809   2.863  -21.705 1.00 0.00 ? 16 ETA A N    1 
HETATM 224 C C    . ETA A 1 12 ? 4.363   0.470  -22.109 1.00 0.00 ? 16 ETA A C    1 
HETATM 225 O O    . ETA A 1 12 ? 3.007   0.664  -21.701 1.00 0.00 ? 16 ETA A O    1 
HETATM 226 H HA1  . ETA A 1 12 ? 5.954   1.640  -22.995 1.00 0.00 ? 16 ETA A HA1  1 
HETATM 227 H HA2  . ETA A 1 12 ? 4.327   2.045  -23.596 1.00 0.00 ? 16 ETA A HA2  1 
HETATM 228 H H    . ETA A 1 12 ? 3.992   3.480  -21.605 1.00 0.00 ? 16 ETA A H    1 
HETATM 229 H HB1  . ETA A 1 12 ? 4.405   -0.319 -22.858 1.00 0.00 ? 16 ETA A HB1  1 
HETATM 230 H HB2  . ETA A 1 12 ? 4.965   0.183  -21.244 1.00 0.00 ? 16 ETA A HB2  1 
HETATM 231 H HO   . ETA A 1 12 ? 2.606   1.350  -22.240 1.00 0.00 ? 16 ETA A HO   1 
ATOM   232 N N    . ALA B 2 1  ? -0.201  3.091  3.071   1.00 0.00 ? 5  ALA B N    1 
ATOM   233 C CA   . ALA B 2 1  ? 0.655   3.482  4.191   1.00 0.00 ? 5  ALA B CA   1 
ATOM   234 C C    . ALA B 2 1  ? 0.695   2.399  5.266   1.00 0.00 ? 5  ALA B C    1 
ATOM   235 O O    . ALA B 2 1  ? 0.337   2.642  6.415   1.00 0.00 ? 5  ALA B O    1 
ATOM   236 C CB   . ALA B 2 1  ? 0.167   4.795  4.787   1.00 0.00 ? 5  ALA B CB   1 
ATOM   237 H H1   . ALA B 2 1  ? -1.028  2.595  3.262   1.00 0.00 ? 5  ALA B H1   1 
ATOM   238 H HA   . ALA B 2 1  ? 1.659   3.641  3.818   1.00 0.00 ? 5  ALA B HA   1 
ATOM   239 H HB1  . ALA B 2 1  ? -0.529  5.261  4.105   1.00 0.00 ? 5  ALA B HB1  1 
ATOM   240 H HB2  . ALA B 2 1  ? -0.324  4.603  5.730   1.00 0.00 ? 5  ALA B HB2  1 
ATOM   241 H HB3  . ALA B 2 1  ? 1.008   5.453  4.945   1.00 0.00 ? 5  ALA B HB3  1 
HETATM 242 N N    . DVA B 2 2  ? 1.138   1.203  4.890   1.00 0.00 ? 6  DVA B N    1 
HETATM 243 C CA   . DVA B 2 2  ? 1.224   0.097  5.841   1.00 0.00 ? 6  DVA B CA   1 
HETATM 244 C CB   . DVA B 2 2  ? 2.697   -0.196 6.274   1.00 0.00 ? 6  DVA B CB   1 
HETATM 245 C CG1  . DVA B 2 2  ? 3.455   -1.032 5.241   1.00 0.00 ? 6  DVA B CG1  1 
HETATM 246 C CG2  . DVA B 2 2  ? 3.464   1.098  6.558   1.00 0.00 ? 6  DVA B CG2  1 
HETATM 247 C C    . DVA B 2 2  ? 0.583   -1.173 5.292   1.00 0.00 ? 6  DVA B C    1 
HETATM 248 O O    . DVA B 2 2  ? 0.770   -1.529 4.129   1.00 0.00 ? 6  DVA B O    1 
HETATM 249 H H    . DVA B 2 2  ? 1.416   1.065  3.958   1.00 0.00 ? 6  DVA B H    1 
HETATM 250 H HA   . DVA B 2 2  ? 0.671   0.386  6.724   1.00 0.00 ? 6  DVA B HA   1 
HETATM 251 H HB   . DVA B 2 2  ? 2.661   -0.764 7.193   1.00 0.00 ? 6  DVA B HB   1 
HETATM 252 H HG11 . DVA B 2 2  ? 2.835   -1.846 4.900   1.00 0.00 ? 6  DVA B HG11 1 
HETATM 253 H HG12 . DVA B 2 2  ? 3.730   -0.411 4.401   1.00 0.00 ? 6  DVA B HG12 1 
HETATM 254 H HG13 . DVA B 2 2  ? 4.350   -1.432 5.696   1.00 0.00 ? 6  DVA B HG13 1 
HETATM 255 H HG21 . DVA B 2 2  ? 3.213   1.844  5.818   1.00 0.00 ? 6  DVA B HG21 1 
HETATM 256 H HG22 . DVA B 2 2  ? 3.208   1.467  7.540   1.00 0.00 ? 6  DVA B HG22 1 
HETATM 257 H HG23 . DVA B 2 2  ? 4.523   0.899  6.518   1.00 0.00 ? 6  DVA B HG23 1 
ATOM   258 N N    . VAL B 2 3  ? -0.169  -1.851 6.152   1.00 0.00 ? 7  VAL B N    1 
ATOM   259 C CA   . VAL B 2 3  ? -0.840  -3.086 5.783   1.00 0.00 ? 7  VAL B CA   1 
ATOM   260 C C    . VAL B 2 3  ? -2.146  -3.206 6.570   1.00 0.00 ? 7  VAL B C    1 
ATOM   261 O O    . VAL B 2 3  ? -2.221  -3.909 7.579   1.00 0.00 ? 7  VAL B O    1 
ATOM   262 C CB   . VAL B 2 3  ? 0.103   -4.302 6.035   1.00 0.00 ? 7  VAL B CB   1 
ATOM   263 C CG1  . VAL B 2 3  ? -0.650  -5.592 6.339   1.00 0.00 ? 7  VAL B CG1  1 
ATOM   264 C CG2  . VAL B 2 3  ? 1.026   -4.501 4.844   1.00 0.00 ? 7  VAL B CG2  1 
ATOM   265 H H    . VAL B 2 3  ? -0.275  -1.511 7.068   1.00 0.00 ? 7  VAL B H    1 
ATOM   266 H HA   . VAL B 2 3  ? -1.067  -3.040 4.728   1.00 0.00 ? 7  VAL B HA   1 
ATOM   267 H HB   . VAL B 2 3  ? 0.716   -4.071 6.892   1.00 0.00 ? 7  VAL B HB   1 
ATOM   268 H HG11 . VAL B 2 3  ? -1.660  -5.519 5.963   1.00 0.00 ? 7  VAL B HG11 1 
ATOM   269 H HG12 . VAL B 2 3  ? -0.148  -6.423 5.865   1.00 0.00 ? 7  VAL B HG12 1 
ATOM   270 H HG13 . VAL B 2 3  ? -0.671  -5.747 7.409   1.00 0.00 ? 7  VAL B HG13 1 
ATOM   271 H HG21 . VAL B 2 3  ? 1.459   -3.553 4.560   1.00 0.00 ? 7  VAL B HG21 1 
ATOM   272 H HG22 . VAL B 2 3  ? 1.814   -5.191 5.109   1.00 0.00 ? 7  VAL B HG22 1 
ATOM   273 H HG23 . VAL B 2 3  ? 0.462   -4.901 4.014   1.00 0.00 ? 7  VAL B HG23 1 
HETATM 274 N N    . DVA B 2 4  ? -3.166  -2.477 6.128   1.00 0.00 ? 8  DVA B N    1 
HETATM 275 C CA   . DVA B 2 4  ? -4.443  -2.487 6.824   1.00 0.00 ? 8  DVA B CA   1 
HETATM 276 C CB   . DVA B 2 4  ? -5.577  -3.222 6.031   1.00 0.00 ? 8  DVA B CB   1 
HETATM 277 C CG1  . DVA B 2 4  ? -6.446  -2.260 5.225   1.00 0.00 ? 8  DVA B CG1  1 
HETATM 278 C CG2  . DVA B 2 4  ? -5.011  -4.318 5.129   1.00 0.00 ? 8  DVA B CG2  1 
HETATM 279 C C    . DVA B 2 4  ? -4.873  -1.067 7.197   1.00 0.00 ? 8  DVA B C    1 
HETATM 280 O O    . DVA B 2 4  ? -4.108  -0.113 7.076   1.00 0.00 ? 8  DVA B O    1 
HETATM 281 H H    . DVA B 2 4  ? -3.046  -1.900 5.341   1.00 0.00 ? 8  DVA B H    1 
HETATM 282 H HA   . DVA B 2 4  ? -4.291  -3.031 7.738   1.00 0.00 ? 8  DVA B HA   1 
HETATM 283 H HB   . DVA B 2 4  ? -6.218  -3.701 6.757   1.00 0.00 ? 8  DVA B HB   1 
HETATM 284 H HG11 . DVA B 2 4  ? -5.877  -1.375 4.993   1.00 0.00 ? 8  DVA B HG11 1 
HETATM 285 H HG12 . DVA B 2 4  ? -6.764  -2.738 4.311   1.00 0.00 ? 8  DVA B HG12 1 
HETATM 286 H HG13 . DVA B 2 4  ? -7.317  -1.984 5.812   1.00 0.00 ? 8  DVA B HG13 1 
HETATM 287 H HG21 . DVA B 2 4  ? -4.035  -4.618 5.481   1.00 0.00 ? 8  DVA B HG21 1 
HETATM 288 H HG22 . DVA B 2 4  ? -5.674  -5.171 5.147   1.00 0.00 ? 8  DVA B HG22 1 
HETATM 289 H HG23 . DVA B 2 4  ? -4.933  -3.949 4.116   1.00 0.00 ? 8  DVA B HG23 1 
ATOM   290 N N    . TRP B 2 5  ? -6.123  -0.943 7.598   1.00 0.00 ? 9  TRP B N    1 
ATOM   291 C CA   . TRP B 2 5  ? -6.712  0.324  7.940   1.00 0.00 ? 9  TRP B CA   1 
ATOM   292 C C    . TRP B 2 5  ? -6.584  0.647  9.430   1.00 0.00 ? 9  TRP B C    1 
ATOM   293 O O    . TRP B 2 5  ? -7.586  0.707  10.143  1.00 0.00 ? 9  TRP B O    1 
ATOM   294 C CB   . TRP B 2 5  ? -8.177  0.259  7.563   1.00 0.00 ? 9  TRP B CB   1 
ATOM   295 C CG   . TRP B 2 5  ? -8.847  1.596  7.556   1.00 0.00 ? 9  TRP B CG   1 
ATOM   296 C CD1  . TRP B 2 5  ? -9.706  2.103  8.486   1.00 0.00 ? 9  TRP B CD1  1 
ATOM   297 C CD2  . TRP B 2 5  ? -8.694  2.602  6.564   1.00 0.00 ? 9  TRP B CD2  1 
ATOM   298 N NE1  . TRP B 2 5  ? -10.105 3.367  8.117   1.00 0.00 ? 9  TRP B NE1  1 
ATOM   299 C CE2  . TRP B 2 5  ? -9.492  3.695  6.938   1.00 0.00 ? 9  TRP B CE2  1 
ATOM   300 C CE3  . TRP B 2 5  ? -7.954  2.672  5.394   1.00 0.00 ? 9  TRP B CE3  1 
ATOM   301 C CZ2  . TRP B 2 5  ? -9.567  4.855  6.172   1.00 0.00 ? 9  TRP B CZ2  1 
ATOM   302 C CZ3  . TRP B 2 5  ? -8.025  3.820  4.630   1.00 0.00 ? 9  TRP B CZ3  1 
ATOM   303 C CH2  . TRP B 2 5  ? -8.827  4.900  5.022   1.00 0.00 ? 9  TRP B CH2  1 
ATOM   304 H H    . TRP B 2 5  ? -6.691  -1.733 7.616   1.00 0.00 ? 9  TRP B H    1 
ATOM   305 H HA   . TRP B 2 5  ? -6.244  1.090  7.341   1.00 0.00 ? 9  TRP B HA   1 
ATOM   306 H HB2  . TRP B 2 5  ? -8.267  -0.178 6.577   1.00 0.00 ? 9  TRP B HB2  1 
ATOM   307 H HB3  . TRP B 2 5  ? -8.678  -0.368 8.263   1.00 0.00 ? 9  TRP B HB3  1 
ATOM   308 H HD1  . TRP B 2 5  ? -10.019 1.576  9.372   1.00 0.00 ? 9  TRP B HD1  1 
ATOM   309 H HE1  . TRP B 2 5  ? -10.723 3.938  8.617   1.00 0.00 ? 9  TRP B HE1  1 
ATOM   310 H HE3  . TRP B 2 5  ? -7.334  1.843  5.084   1.00 0.00 ? 9  TRP B HE3  1 
ATOM   311 H HZ2  . TRP B 2 5  ? -10.181 5.695  6.463   1.00 0.00 ? 9  TRP B HZ2  1 
ATOM   312 H HZ3  . TRP B 2 5  ? -7.455  3.895  3.718   1.00 0.00 ? 9  TRP B HZ3  1 
ATOM   313 H HH2  . TRP B 2 5  ? -8.853  5.780  4.395   1.00 0.00 ? 9  TRP B HH2  1 
HETATM 314 N N    . DLE B 2 6  ? -5.364  0.890  9.892   1.00 0.00 ? 10 DLE B N    1 
HETATM 315 C CA   . DLE B 2 6  ? -5.140  1.249  11.295  1.00 0.00 ? 10 DLE B CA   1 
HETATM 316 C CB   . DLE B 2 6  ? -4.962  2.760  11.406  1.00 0.00 ? 10 DLE B CB   1 
HETATM 317 C CG   . DLE B 2 6  ? -5.861  3.571  10.468  1.00 0.00 ? 10 DLE B CG   1 
HETATM 318 C CD1  . DLE B 2 6  ? -7.176  3.911  11.152  1.00 0.00 ? 10 DLE B CD1  1 
HETATM 319 C CD2  . DLE B 2 6  ? -5.157  4.834  10.000  1.00 0.00 ? 10 DLE B CD2  1 
HETATM 320 C C    . DLE B 2 6  ? -3.926  0.531  11.880  1.00 0.00 ? 10 DLE B C    1 
HETATM 321 O O    . DLE B 2 6  ? -2.841  0.597  11.339  1.00 0.00 ? 10 DLE B O    1 
HETATM 322 H H    . DLE B 2 6  ? -4.610  0.860  9.274   1.00 0.00 ? 10 DLE B H    1 
HETATM 323 H HA   . DLE B 2 6  ? -6.013  0.967  11.848  1.00 0.00 ? 10 DLE B HA   1 
HETATM 324 H HB2  . DLE B 2 6  ? -5.174  3.052  12.424  1.00 0.00 ? 10 DLE B HB2  1 
HETATM 325 H HB3  . DLE B 2 6  ? -3.935  2.998  11.186  1.00 0.00 ? 10 DLE B HB3  1 
HETATM 326 H HG   . DLE B 2 6  ? -6.087  2.975  9.597   1.00 0.00 ? 10 DLE B HG   1 
HETATM 327 H HD11 . DLE B 2 6  ? -7.000  4.098  12.201  1.00 0.00 ? 10 DLE B HD11 1 
HETATM 328 H HD12 . DLE B 2 6  ? -7.603  4.791  10.695  1.00 0.00 ? 10 DLE B HD12 1 
HETATM 329 H HD13 . DLE B 2 6  ? -7.862  3.082  11.045  1.00 0.00 ? 10 DLE B HD13 1 
HETATM 330 H HD21 . DLE B 2 6  ? -4.285  4.566  9.420   1.00 0.00 ? 10 DLE B HD21 1 
HETATM 331 H HD22 . DLE B 2 6  ? -5.831  5.414  9.385   1.00 0.00 ? 10 DLE B HD22 1 
HETATM 332 H HD23 . DLE B 2 6  ? -4.855  5.419  10.856  1.00 0.00 ? 10 DLE B HD23 1 
ATOM   333 N N    . TRP B 2 7  ? -4.098  -0.158 12.992  1.00 0.00 ? 11 TRP B N    1 
ATOM   334 C CA   . TRP B 2 7  ? -2.981  -0.876 13.585  1.00 0.00 ? 11 TRP B CA   1 
ATOM   335 C C    . TRP B 2 7  ? -3.483  -1.966 14.510  1.00 0.00 ? 11 TRP B C    1 
ATOM   336 O O    . TRP B 2 7  ? -3.758  -1.731 15.679  1.00 0.00 ? 11 TRP B O    1 
ATOM   337 C CB   . TRP B 2 7  ? -2.025  0.066  14.305  1.00 0.00 ? 11 TRP B CB   1 
ATOM   338 C CG   . TRP B 2 7  ? -0.615  -0.414 14.194  1.00 0.00 ? 11 TRP B CG   1 
ATOM   339 C CD1  . TRP B 2 7  ? -0.130  -1.566 14.708  1.00 0.00 ? 11 TRP B CD1  1 
ATOM   340 C CD2  . TRP B 2 7  ? 0.473   0.207  13.500  1.00 0.00 ? 11 TRP B CD2  1 
ATOM   341 N NE1  . TRP B 2 7  ? 1.207   -1.697 14.419  1.00 0.00 ? 11 TRP B NE1  1 
ATOM   342 C CE2  . TRP B 2 7  ? 1.602   -0.616 13.674  1.00 0.00 ? 11 TRP B CE2  1 
ATOM   343 C CE3  . TRP B 2 7  ? 0.607   1.381  12.764  1.00 0.00 ? 11 TRP B CE3  1 
ATOM   344 C CZ2  . TRP B 2 7  ? 2.846   -0.300 13.136  1.00 0.00 ? 11 TRP B CZ2  1 
ATOM   345 C CZ3  . TRP B 2 7  ? 1.840   1.696  12.226  1.00 0.00 ? 11 TRP B CZ3  1 
ATOM   346 C CH2  . TRP B 2 7  ? 2.947   0.859  12.415  1.00 0.00 ? 11 TRP B CH2  1 
ATOM   347 H H    . TRP B 2 7  ? -4.984  -0.190 13.424  1.00 0.00 ? 11 TRP B H    1 
ATOM   348 H HA   . TRP B 2 7  ? -2.444  -1.346 12.772  1.00 0.00 ? 11 TRP B HA   1 
ATOM   349 H HB2  . TRP B 2 7  ? -2.088  1.049  13.865  1.00 0.00 ? 11 TRP B HB2  1 
ATOM   350 H HB3  . TRP B 2 7  ? -2.288  0.118  15.357  1.00 0.00 ? 11 TRP B HB3  1 
ATOM   351 H HD1  . TRP B 2 7  ? -0.725  -2.260 15.267  1.00 0.00 ? 11 TRP B HD1  1 
ATOM   352 H HE1  . TRP B 2 7  ? 1.782   -2.439 14.697  1.00 0.00 ? 11 TRP B HE1  1 
ATOM   353 H HE3  . TRP B 2 7  ? -0.236  2.028  12.602  1.00 0.00 ? 11 TRP B HE3  1 
ATOM   354 H HZ2  . TRP B 2 7  ? 3.708   -0.935 13.272  1.00 0.00 ? 11 TRP B HZ2  1 
ATOM   355 H HZ3  . TRP B 2 7  ? 1.960   2.603  11.652  1.00 0.00 ? 11 TRP B HZ3  1 
ATOM   356 H HH2  . TRP B 2 7  ? 3.893   1.144  11.978  1.00 0.00 ? 11 TRP B HH2  1 
HETATM 357 N N    . DLE B 2 8  ? -3.636  -3.148 13.941  1.00 0.00 ? 12 DLE B N    1 
HETATM 358 C CA   . DLE B 2 8  ? -4.160  -4.302 14.654  1.00 0.00 ? 12 DLE B CA   1 
HETATM 359 C CB   . DLE B 2 8  ? -3.262  -5.529 14.487  1.00 0.00 ? 12 DLE B CB   1 
HETATM 360 C CG   . DLE B 2 8  ? -1.752  -5.340 14.794  1.00 0.00 ? 12 DLE B CG   1 
HETATM 361 C CD1  . DLE B 2 8  ? -1.017  -6.663 14.626  1.00 0.00 ? 12 DLE B CD1  1 
HETATM 362 C CD2  . DLE B 2 8  ? -1.474  -4.757 16.192  1.00 0.00 ? 12 DLE B CD2  1 
HETATM 363 C C    . DLE B 2 8  ? -5.529  -4.609 14.085  1.00 0.00 ? 12 DLE B C    1 
HETATM 364 O O    . DLE B 2 8  ? -5.686  -4.748 12.876  1.00 0.00 ? 12 DLE B O    1 
HETATM 365 H H    . DLE B 2 8  ? -3.420  -3.241 12.993  1.00 0.00 ? 12 DLE B H    1 
HETATM 366 H HA   . DLE B 2 8  ? -4.266  -4.054 15.694  1.00 0.00 ? 12 DLE B HA   1 
HETATM 367 H HB2  . DLE B 2 8  ? -3.654  -6.329 15.102  1.00 0.00 ? 12 DLE B HB2  1 
HETATM 368 H HB3  . DLE B 2 8  ? -3.352  -5.838 13.459  1.00 0.00 ? 12 DLE B HB3  1 
HETATM 369 H HG   . DLE B 2 8  ? -1.342  -4.649 14.072  1.00 0.00 ? 12 DLE B HG   1 
HETATM 370 H HD11 . DLE B 2 8  ? -1.720  -7.481 14.692  1.00 0.00 ? 12 DLE B HD11 1 
HETATM 371 H HD12 . DLE B 2 8  ? -0.533  -6.685 13.661  1.00 0.00 ? 12 DLE B HD12 1 
HETATM 372 H HD13 . DLE B 2 8  ? -0.272  -6.767 15.402  1.00 0.00 ? 12 DLE B HD13 1 
HETATM 373 H HD21 . DLE B 2 8  ? -2.009  -5.313 16.951  1.00 0.00 ? 12 DLE B HD21 1 
HETATM 374 H HD22 . DLE B 2 8  ? -0.413  -4.818 16.396  1.00 0.00 ? 12 DLE B HD22 1 
HETATM 375 H HD23 . DLE B 2 8  ? -1.773  -3.720 16.228  1.00 0.00 ? 12 DLE B HD23 1 
ATOM   376 N N    . TRP B 2 9  ? -6.523  -4.693 14.939  1.00 0.00 ? 13 TRP B N    1 
ATOM   377 C CA   . TRP B 2 9  ? -7.865  -4.961 14.463  1.00 0.00 ? 13 TRP B CA   1 
ATOM   378 C C    . TRP B 2 9  ? -8.922  -4.554 15.471  1.00 0.00 ? 13 TRP B C    1 
ATOM   379 O O    . TRP B 2 9  ? -9.219  -5.268 16.426  1.00 0.00 ? 13 TRP B O    1 
ATOM   380 C CB   . TRP B 2 9  ? -8.024  -6.419 14.112  1.00 0.00 ? 13 TRP B CB   1 
ATOM   381 C CG   . TRP B 2 9  ? -8.964  -6.654 12.970  1.00 0.00 ? 13 TRP B CG   1 
ATOM   382 C CD1  . TRP B 2 9  ? -10.295 -6.946 13.031  1.00 0.00 ? 13 TRP B CD1  1 
ATOM   383 C CD2  . TRP B 2 9  ? -8.630  -6.606 11.590  1.00 0.00 ? 13 TRP B CD2  1 
ATOM   384 N NE1  . TRP B 2 9  ? -10.801 -7.104 11.761  1.00 0.00 ? 13 TRP B NE1  1 
ATOM   385 C CE2  . TRP B 2 9  ? -9.793  -6.898 10.858  1.00 0.00 ? 13 TRP B CE2  1 
ATOM   386 C CE3  . TRP B 2 9  ? -7.450  -6.351 10.910  1.00 0.00 ? 13 TRP B CE3  1 
ATOM   387 C CZ2  . TRP B 2 9  ? -9.803  -6.941 9.467   1.00 0.00 ? 13 TRP B CZ2  1 
ATOM   388 C CZ3  . TRP B 2 9  ? -7.452  -6.389 9.528   1.00 0.00 ? 13 TRP B CZ3  1 
ATOM   389 C CH2  . TRP B 2 9  ? -8.625  -6.684 8.818   1.00 0.00 ? 13 TRP B CH2  1 
ATOM   390 H H    . TRP B 2 9  ? -6.353  -4.565 15.892  1.00 0.00 ? 13 TRP B H    1 
ATOM   391 H HA   . TRP B 2 9  ? -8.010  -4.379 13.567  1.00 0.00 ? 13 TRP B HA   1 
ATOM   392 H HB2  . TRP B 2 9  ? -7.061  -6.826 13.844  1.00 0.00 ? 13 TRP B HB2  1 
ATOM   393 H HB3  . TRP B 2 9  ? -8.397  -6.927 14.968  1.00 0.00 ? 13 TRP B HB3  1 
ATOM   394 H HD1  . TRP B 2 9  ? -10.854 -7.042 13.944  1.00 0.00 ? 13 TRP B HD1  1 
ATOM   395 H HE1  . TRP B 2 9  ? -11.730 -7.325 11.541  1.00 0.00 ? 13 TRP B HE1  1 
ATOM   396 H HE3  . TRP B 2 9  ? -6.549  -6.115 11.454  1.00 0.00 ? 13 TRP B HE3  1 
ATOM   397 H HZ2  . TRP B 2 9  ? -10.699 -7.166 8.907   1.00 0.00 ? 13 TRP B HZ2  1 
ATOM   398 H HZ3  . TRP B 2 9  ? -6.542  -6.194 8.982   1.00 0.00 ? 13 TRP B HZ3  1 
ATOM   399 H HH2  . TRP B 2 9  ? -8.584  -6.706 7.739   1.00 0.00 ? 13 TRP B HH2  1 
HETATM 400 N N    . DLE B 2 10 ? -9.502  -3.408 15.213  1.00 0.00 ? 14 DLE B N    1 
HETATM 401 C CA   . DLE B 2 10 ? -10.563 -2.860 16.055  1.00 0.00 ? 14 DLE B CA   1 
HETATM 402 C CB   . DLE B 2 10 ? -11.783 -2.516 15.198  1.00 0.00 ? 14 DLE B CB   1 
HETATM 403 C CG   . DLE B 2 10 ? -12.339 -3.673 14.370  1.00 0.00 ? 14 DLE B CG   1 
HETATM 404 C CD1  . DLE B 2 10 ? -12.831 -3.174 13.020  1.00 0.00 ? 14 DLE B CD1  1 
HETATM 405 C CD2  . DLE B 2 10 ? -13.459 -4.377 15.123  1.00 0.00 ? 14 DLE B CD2  1 
HETATM 406 C C    . DLE B 2 10 ? -10.091 -1.620 16.807  1.00 0.00 ? 14 DLE B C    1 
HETATM 407 O O    . DLE B 2 10 ? -9.695  -0.631 16.197  1.00 0.00 ? 14 DLE B O    1 
HETATM 408 H H    . DLE B 2 10 ? -9.217  -2.925 14.412  1.00 0.00 ? 14 DLE B H    1 
HETATM 409 H HA   . DLE B 2 10 ? -10.843 -3.619 16.770  1.00 0.00 ? 14 DLE B HA   1 
HETATM 410 H HB2  . DLE B 2 10 ? -12.565 -2.155 15.851  1.00 0.00 ? 14 DLE B HB2  1 
HETATM 411 H HB3  . DLE B 2 10 ? -11.505 -1.720 14.522  1.00 0.00 ? 14 DLE B HB3  1 
HETATM 412 H HG   . DLE B 2 10 ? -11.553 -4.392 14.193  1.00 0.00 ? 14 DLE B HG   1 
HETATM 413 H HD11 . DLE B 2 10 ? -12.241 -2.324 12.714  1.00 0.00 ? 14 DLE B HD11 1 
HETATM 414 H HD12 . DLE B 2 10 ? -12.736 -3.963 12.288  1.00 0.00 ? 14 DLE B HD12 1 
HETATM 415 H HD13 . DLE B 2 10 ? -13.868 -2.882 13.102  1.00 0.00 ? 14 DLE B HD13 1 
HETATM 416 H HD21 . DLE B 2 10 ? -13.781 -3.760 15.948  1.00 0.00 ? 14 DLE B HD21 1 
HETATM 417 H HD22 . DLE B 2 10 ? -14.288 -4.549 14.455  1.00 0.00 ? 14 DLE B HD22 1 
HETATM 418 H HD23 . DLE B 2 10 ? -13.099 -5.323 15.500  1.00 0.00 ? 14 DLE B HD23 1 
ATOM   419 N N    . TRP B 2 11 ? -10.135 -1.669 18.131  1.00 0.00 ? 15 TRP B N    1 
ATOM   420 C CA   . TRP B 2 11 ? -9.706  -0.536 18.943  1.00 0.00 ? 15 TRP B CA   1 
ATOM   421 C C    . TRP B 2 11 ? -9.300  -0.979 20.345  1.00 0.00 ? 15 TRP B C    1 
ATOM   422 O O    . TRP B 2 11 ? -9.570  -0.305 21.345  1.00 0.00 ? 15 TRP B O    1 
ATOM   423 C CB   . TRP B 2 11 ? -10.813 0.510  19.043  1.00 0.00 ? 15 TRP B CB   1 
ATOM   424 C CG   . TRP B 2 11 ? -11.664 0.625  17.817  1.00 0.00 ? 15 TRP B CG   1 
ATOM   425 C CD1  . TRP B 2 11 ? -12.598 -0.268 17.386  1.00 0.00 ? 15 TRP B CD1  1 
ATOM   426 C CD2  . TRP B 2 11 ? -11.668 1.698  16.871  1.00 0.00 ? 15 TRP B CD2  1 
ATOM   427 N NE1  . TRP B 2 11 ? -13.202 0.192  16.240  1.00 0.00 ? 15 TRP B NE1  1 
ATOM   428 C CE2  . TRP B 2 11 ? -12.646 1.398  15.904  1.00 0.00 ? 15 TRP B CE2  1 
ATOM   429 C CE3  . TRP B 2 11 ? -10.945 2.885  16.753  1.00 0.00 ? 15 TRP B CE3  1 
ATOM   430 C CZ2  . TRP B 2 11 ? -12.919 2.248  14.834  1.00 0.00 ? 15 TRP B CZ2  1 
ATOM   431 C CZ3  . TRP B 2 11 ? -11.214 3.726  15.690  1.00 0.00 ? 15 TRP B CZ3  1 
ATOM   432 C CH2  . TRP B 2 11 ? -12.198 3.406  14.745  1.00 0.00 ? 15 TRP B CH2  1 
ATOM   433 H H    . TRP B 2 11 ? -10.464 -2.478 18.573  1.00 0.00 ? 15 TRP B H    1 
ATOM   434 H HA   . TRP B 2 11 ? -8.854  -0.091 18.457  1.00 0.00 ? 15 TRP B HA   1 
ATOM   435 H HB2  . TRP B 2 11 ? -11.458 0.258  19.870  1.00 0.00 ? 15 TRP B HB2  1 
ATOM   436 H HB3  . TRP B 2 11 ? -10.365 1.475  19.228  1.00 0.00 ? 15 TRP B HB3  1 
ATOM   437 H HD1  . TRP B 2 11 ? -12.821 -1.196 17.885  1.00 0.00 ? 15 TRP B HD1  1 
ATOM   438 H HE1  . TRP B 2 11 ? -13.911 -0.268 15.746  1.00 0.00 ? 15 TRP B HE1  1 
ATOM   439 H HE3  . TRP B 2 11 ? -10.178 3.141  17.465  1.00 0.00 ? 15 TRP B HE3  1 
ATOM   440 H HZ2  . TRP B 2 11 ? -13.674 2.017  14.097  1.00 0.00 ? 15 TRP B HZ2  1 
ATOM   441 H HZ3  . TRP B 2 11 ? -10.666 4.651  15.583  1.00 0.00 ? 15 TRP B HZ3  1 
ATOM   442 H HH2  . TRP B 2 11 ? -12.374 4.094  13.930  1.00 0.00 ? 15 TRP B HH2  1 
HETATM 443 C CA   . ETA B 2 12 ? -8.199  -2.687 21.661  1.00 0.00 ? 16 ETA B CA   1 
HETATM 444 N N    . ETA B 2 12 ? -8.646  -2.146 20.350  1.00 0.00 ? 16 ETA B N    1 
HETATM 445 C C    . ETA B 2 12 ? -6.787  -2.164 21.979  1.00 0.00 ? 16 ETA B C    1 
HETATM 446 O O    . ETA B 2 12 ? -6.058  -3.163 22.692  1.00 0.00 ? 16 ETA B O    1 
HETATM 447 H HA1  . ETA B 2 12 ? -8.182  -3.775 21.619  1.00 0.00 ? 16 ETA B HA1  1 
HETATM 448 H HA2  . ETA B 2 12 ? -8.890  -2.363 22.440  1.00 0.00 ? 16 ETA B HA2  1 
HETATM 449 H H    . ETA B 2 12 ? -8.482  -2.615 19.447  1.00 0.00 ? 16 ETA B H    1 
HETATM 450 H HB1  . ETA B 2 12 ? -6.861  -1.263 22.589  1.00 0.00 ? 16 ETA B HB1  1 
HETATM 451 H HB2  . ETA B 2 12 ? -6.269  -1.930 21.049  1.00 0.00 ? 16 ETA B HB2  1 
HETATM 452 H HO   . ETA B 2 12 ? -5.321  -3.467 22.157  1.00 0.00 ? 16 ETA B HO   1 
HETATM 453 N N    . X5P C 1 1  ? -0.829  -1.614 1.674   1.00 0.00 ? 5  X5P D N    1 
HETATM 454 C CA   . X5P C 1 1  ? -2.142  -2.204 1.418   1.00 0.00 ? 5  X5P D CA   1 
HETATM 455 C C    . X5P C 1 1  ? -3.189  -1.636 2.369   1.00 0.00 ? 5  X5P D C    1 
HETATM 456 O O    . X5P C 1 1  ? -3.798  -2.371 3.144   1.00 0.00 ? 5  X5P D O    1 
HETATM 457 C CB   . X5P C 1 1  ? -2.073  -3.718 1.556   1.00 0.00 ? 5  X5P D CB   1 
HETATM 458 C C1   . X5P C 1 1  ? 3.466   0.313  0.217   1.00 0.00 ? 5  X5P D C1   1 
HETATM 459 O O1   . X5P C 1 1  ? 3.745   0.830  1.300   1.00 0.00 ? 5  X5P D O1   1 
HETATM 460 C C2   . X5P C 1 1  ? 2.455   -0.854 0.102   1.00 0.00 ? 5  X5P D C2   1 
HETATM 461 C C3   . X5P C 1 1  ? 1.351   -0.702 1.175   1.00 0.00 ? 5  X5P D C3   1 
HETATM 462 C C4   . X5P C 1 1  ? 0.019   -1.317 0.681   1.00 0.00 ? 5  X5P D C4   1 
HETATM 463 O O3   . X5P C 1 1  ? -0.220  -1.504 -0.517  1.00 0.00 ? 5  X5P D O3   1 
HETATM 464 H H    . X5P C 1 1  ? -0.567  -1.435 2.605   1.00 0.00 ? 5  X5P D H    1 
HETATM 465 H HA   . X5P C 1 1  ? -2.432  -1.973 0.401   1.00 0.00 ? 5  X5P D HA   1 
HETATM 466 H HB2  . X5P C 1 1  ? -2.385  -4.004 2.548   1.00 0.00 ? 5  X5P D HB2  1 
HETATM 467 H HB1  . X5P C 1 1  ? -1.057  -4.048 1.390   1.00 0.00 ? 5  X5P D HB1  1 
HETATM 468 H HB3  . X5P C 1 1  ? -2.723  -4.177 0.828   1.00 0.00 ? 5  X5P D HB3  1 
HETATM 469 H H21  . X5P C 1 1  ? 2.008   -0.841 -0.871  1.00 0.00 ? 5  X5P D H21  1 
HETATM 470 H H22  . X5P C 1 1  ? 2.964   -1.783 0.244   1.00 0.00 ? 5  X5P D H22  1 
HETATM 471 H H31  . X5P C 1 1  ? 1.201   0.335  1.385   1.00 0.00 ? 5  X5P D H31  1 
HETATM 472 H H32  . X5P C 1 1  ? 1.660   -1.201 2.069   1.00 0.00 ? 5  X5P D H32  1 
HETATM 473 N N    . DVA C 1 2  ? -3.396  -0.324 2.303   1.00 0.00 ? 6  DVA D N    1 
HETATM 474 C CA   . DVA C 1 2  ? -4.380  0.332  3.160   1.00 0.00 ? 6  DVA D CA   1 
HETATM 475 C CB   . DVA C 1 2  ? -5.687  0.690  2.390   1.00 0.00 ? 6  DVA D CB   1 
HETATM 476 C CG1  . DVA C 1 2  ? -5.557  1.992  1.595   1.00 0.00 ? 6  DVA D CG1  1 
HETATM 477 C CG2  . DVA C 1 2  ? -6.114  -0.448 1.464   1.00 0.00 ? 6  DVA D CG2  1 
HETATM 478 C C    . DVA C 1 2  ? -3.805  1.579  3.822   1.00 0.00 ? 6  DVA D C    1 
HETATM 479 O O    . DVA C 1 2  ? -3.120  2.379  3.184   1.00 0.00 ? 6  DVA D O    1 
HETATM 480 H H    . DVA C 1 2  ? -2.884  0.208  1.659   1.00 0.00 ? 6  DVA D H    1 
HETATM 481 H HA   . DVA C 1 2  ? -4.641  -0.364 3.947   1.00 0.00 ? 6  DVA D HA   1 
HETATM 482 H HB   . DVA C 1 2  ? -6.470  0.831  3.121   1.00 0.00 ? 6  DVA D HB   1 
HETATM 483 H HG11 . DVA C 1 2  ? -5.147  2.766  2.225   1.00 0.00 ? 6  DVA D HG11 1 
HETATM 484 H HG12 . DVA C 1 2  ? -4.910  1.837  0.746   1.00 0.00 ? 6  DVA D HG12 1 
HETATM 485 H HG13 . DVA C 1 2  ? -6.534  2.294  1.247   1.00 0.00 ? 6  DVA D HG13 1 
HETATM 486 H HG21 . DVA C 1 2  ? -5.252  -1.030 1.174   1.00 0.00 ? 6  DVA D HG21 1 
HETATM 487 H HG22 . DVA C 1 2  ? -6.824  -1.083 1.972   1.00 0.00 ? 6  DVA D HG22 1 
HETATM 488 H HG23 . DVA C 1 2  ? -6.576  -0.033 0.579   1.00 0.00 ? 6  DVA D HG23 1 
ATOM   489 N N    . VAL C 1 3  ? -4.100  1.732  5.106   1.00 0.00 ? 7  VAL D N    1 
ATOM   490 C CA   . VAL C 1 3  ? -3.632  2.874  5.873   1.00 0.00 ? 7  VAL D CA   1 
ATOM   491 C C    . VAL C 1 3  ? -3.425  2.452  7.327   1.00 0.00 ? 7  VAL D C    1 
ATOM   492 O O    . VAL C 1 3  ? -4.268  2.701  8.189   1.00 0.00 ? 7  VAL D O    1 
ATOM   493 C CB   . VAL C 1 3  ? -4.641  4.052  5.751   1.00 0.00 ? 7  VAL D CB   1 
ATOM   494 C CG1  . VAL C 1 3  ? -4.612  4.991  6.951   1.00 0.00 ? 7  VAL D CG1  1 
ATOM   495 C CG2  . VAL C 1 3  ? -4.377  4.830  4.470   1.00 0.00 ? 7  VAL D CG2  1 
ATOM   496 H H    . VAL C 1 3  ? -4.655  1.056  5.554   1.00 0.00 ? 7  VAL D H    1 
ATOM   497 H HA   . VAL C 1 3  ? -2.685  3.186  5.458   1.00 0.00 ? 7  VAL D HA   1 
ATOM   498 H HB   . VAL C 1 3  ? -5.635  3.634  5.685   1.00 0.00 ? 7  VAL D HB   1 
ATOM   499 H HG11 . VAL C 1 3  ? -3.690  4.856  7.495   1.00 0.00 ? 7  VAL D HG11 1 
ATOM   500 H HG12 . VAL C 1 3  ? -4.682  6.014  6.611   1.00 0.00 ? 7  VAL D HG12 1 
ATOM   501 H HG13 . VAL C 1 3  ? -5.450  4.767  7.597   1.00 0.00 ? 7  VAL D HG13 1 
ATOM   502 H HG21 . VAL C 1 3  ? -4.365  4.149  3.631   1.00 0.00 ? 7  VAL D HG21 1 
ATOM   503 H HG22 . VAL C 1 3  ? -5.157  5.563  4.326   1.00 0.00 ? 7  VAL D HG22 1 
ATOM   504 H HG23 . VAL C 1 3  ? -3.423  5.328  4.542   1.00 0.00 ? 7  VAL D HG23 1 
HETATM 505 N N    . DVA C 1 4  ? -2.315  1.768  7.587   1.00 0.00 ? 8  DVA D N    1 
HETATM 506 C CA   . DVA C 1 4  ? -2.036  1.283  8.928   1.00 0.00 ? 8  DVA D CA   1 
HETATM 507 C CB   . DVA C 1 4  ? -0.855  2.038  9.630   1.00 0.00 ? 8  DVA D CB   1 
HETATM 508 C CG1  . DVA C 1 4  ? 0.479   1.309  9.483   1.00 0.00 ? 8  DVA D CG1  1 
HETATM 509 C CG2  . DVA C 1 4  ? -0.735  3.477  9.133   1.00 0.00 ? 8  DVA D CG2  1 
HETATM 510 C C    . DVA C 1 4  ? -1.785  -0.228 8.921   1.00 0.00 ? 8  DVA D C    1 
HETATM 511 O O    . DVA C 1 4  ? -2.011  -0.909 7.922   1.00 0.00 ? 8  DVA D O    1 
HETATM 512 H H    . DVA C 1 4  ? -1.692  1.561  6.856   1.00 0.00 ? 8  DVA D H    1 
HETATM 513 H HA   . DVA C 1 4  ? -2.919  1.462  9.511   1.00 0.00 ? 8  DVA D HA   1 
HETATM 514 H HB   . DVA C 1 4  ? -1.081  2.078  10.686  1.00 0.00 ? 8  DVA D HB   1 
HETATM 515 H HG11 . DVA C 1 4  ? 0.452   0.691  8.599   1.00 0.00 ? 8  DVA D HG11 1 
HETATM 516 H HG12 . DVA C 1 4  ? 1.279   2.028  9.399   1.00 0.00 ? 8  DVA D HG12 1 
HETATM 517 H HG13 . DVA C 1 4  ? 0.646   0.681  10.356  1.00 0.00 ? 8  DVA D HG13 1 
HETATM 518 H HG21 . DVA C 1 4  ? -1.681  3.809  8.732   1.00 0.00 ? 8  DVA D HG21 1 
HETATM 519 H HG22 . DVA C 1 4  ? -0.455  4.115  9.959   1.00 0.00 ? 8  DVA D HG22 1 
HETATM 520 H HG23 . DVA C 1 4  ? 0.024   3.536  8.369   1.00 0.00 ? 8  DVA D HG23 1 
ATOM   521 N N    . TRP C 1 5  ? -1.270  -0.719 10.030  1.00 0.00 ? 9  TRP D N    1 
ATOM   522 C CA   . TRP C 1 5  ? -0.926  -2.108 10.184  1.00 0.00 ? 9  TRP D CA   1 
ATOM   523 C C    . TRP C 1 5  ? -2.074  -2.931 10.774  1.00 0.00 ? 9  TRP D C    1 
ATOM   524 O O    . TRP C 1 5  ? -1.972  -3.426 11.896  1.00 0.00 ? 9  TRP D O    1 
ATOM   525 C CB   . TRP C 1 5  ? 0.274   -2.173 11.109  1.00 0.00 ? 9  TRP D CB   1 
ATOM   526 C CG   . TRP C 1 5  ? 0.949   -3.508 11.123  1.00 0.00 ? 9  TRP D CG   1 
ATOM   527 C CD1  . TRP C 1 5  ? 0.887   -4.461 12.098  1.00 0.00 ? 9  TRP D CD1  1 
ATOM   528 C CD2  . TRP C 1 5  ? 1.785   -4.034 10.102  1.00 0.00 ? 9  TRP D CD2  1 
ATOM   529 N NE1  . TRP C 1 5  ? 1.653   -5.547 11.742  1.00 0.00 ? 9  TRP D NE1  1 
ATOM   530 C CE2  . TRP C 1 5  ? 2.211   -5.307 10.515  1.00 0.00 ? 9  TRP D CE2  1 
ATOM   531 C CE3  . TRP C 1 5  ? 2.210   -3.542 8.880   1.00 0.00 ? 9  TRP D CE3  1 
ATOM   532 C CZ2  . TRP C 1 5  ? 3.052   -6.097 9.736   1.00 0.00 ? 9  TRP D CZ2  1 
ATOM   533 C CZ3  . TRP C 1 5  ? 3.043   -4.322 8.101   1.00 0.00 ? 9  TRP D CZ3  1 
ATOM   534 C CH2  . TRP C 1 5  ? 3.458   -5.590 8.532   1.00 0.00 ? 9  TRP D CH2  1 
ATOM   535 H H    . TRP C 1 5  ? -1.065  -0.112 10.760  1.00 0.00 ? 9  TRP D H    1 
ATOM   536 H HA   . TRP C 1 5  ? -0.630  -2.496 9.221   1.00 0.00 ? 9  TRP D HA   1 
ATOM   537 H HB2  . TRP C 1 5  ? 0.993   -1.425 10.802  1.00 0.00 ? 9  TRP D HB2  1 
ATOM   538 H HB3  . TRP C 1 5  ? -0.053  -1.946 12.098  1.00 0.00 ? 9  TRP D HB3  1 
ATOM   539 H HD1  . TRP C 1 5  ? 0.322   -4.362 13.009  1.00 0.00 ? 9  TRP D HD1  1 
ATOM   540 H HE1  . TRP C 1 5  ? 1.777   -6.359 12.275  1.00 0.00 ? 9  TRP D HE1  1 
ATOM   541 H HE3  . TRP C 1 5  ? 1.895   -2.566 8.542   1.00 0.00 ? 9  TRP D HE3  1 
ATOM   542 H HZ2  . TRP C 1 5  ? 3.378   -7.076 10.057  1.00 0.00 ? 9  TRP D HZ2  1 
ATOM   543 H HZ3  . TRP C 1 5  ? 3.382   -3.958 7.144   1.00 0.00 ? 9  TRP D HZ3  1 
ATOM   544 H HH2  . TRP C 1 5  ? 4.109   -6.167 7.893   1.00 0.00 ? 9  TRP D HH2  1 
HETATM 545 N N    . DLE C 1 6  ? -3.146  -3.101 10.012  1.00 0.00 ? 10 DLE D N    1 
HETATM 546 C CA   . DLE C 1 6  ? -4.287  -3.901 10.469  1.00 0.00 ? 10 DLE D CA   1 
HETATM 547 C CB   . DLE C 1 6  ? -4.223  -5.286 9.837   1.00 0.00 ? 10 DLE D CB   1 
HETATM 548 C CG   . DLE C 1 6  ? -2.810  -5.863 9.717   1.00 0.00 ? 10 DLE D CG   1 
HETATM 549 C CD1  . DLE C 1 6  ? -2.480  -6.718 10.928  1.00 0.00 ? 10 DLE D CD1  1 
HETATM 550 C CD2  . DLE C 1 6  ? -2.662  -6.668 8.434   1.00 0.00 ? 10 DLE D CD2  1 
HETATM 551 C C    . DLE C 1 6  ? -5.619  -3.236 10.136  1.00 0.00 ? 10 DLE D C    1 
HETATM 552 O O    . DLE C 1 6  ? -5.881  -2.905 8.997   1.00 0.00 ? 10 DLE D O    1 
HETATM 553 H H    . DLE C 1 6  ? -3.161  -2.708 9.120   1.00 0.00 ? 10 DLE D H    1 
HETATM 554 H HA   . DLE C 1 6  ? -4.203  -4.006 11.532  1.00 0.00 ? 10 DLE D HA   1 
HETATM 555 H HB2  . DLE C 1 6  ? -4.819  -5.959 10.431  1.00 0.00 ? 10 DLE D HB2  1 
HETATM 556 H HB3  . DLE C 1 6  ? -4.651  -5.225 8.850   1.00 0.00 ? 10 DLE D HB3  1 
HETATM 557 H HG   . DLE C 1 6  ? -2.099  -5.050 9.682   1.00 0.00 ? 10 DLE D HG   1 
HETATM 558 H HD11 . DLE C 1 6  ? -3.320  -6.720 11.609  1.00 0.00 ? 10 DLE D HD11 1 
HETATM 559 H HD12 . DLE C 1 6  ? -2.272  -7.729 10.610  1.00 0.00 ? 10 DLE D HD12 1 
HETATM 560 H HD13 . DLE C 1 6  ? -1.613  -6.313 11.430  1.00 0.00 ? 10 DLE D HD13 1 
HETATM 561 H HD21 . DLE C 1 6  ? -2.815  -6.020 7.583   1.00 0.00 ? 10 DLE D HD21 1 
HETATM 562 H HD22 . DLE C 1 6  ? -1.667  -7.090 8.389   1.00 0.00 ? 10 DLE D HD22 1 
HETATM 563 H HD23 . DLE C 1 6  ? -3.393  -7.462 8.420   1.00 0.00 ? 10 DLE D HD23 1 
ATOM   564 N N    . TRP C 1 7  ? -6.475  -3.044 11.122  1.00 0.00 ? 11 TRP D N    1 
ATOM   565 C CA   . TRP C 1 7  ? -7.756  -2.403 10.864  1.00 0.00 ? 11 TRP D CA   1 
ATOM   566 C C    . TRP C 1 7  ? -8.333  -1.846 12.150  1.00 0.00 ? 11 TRP D C    1 
ATOM   567 O O    . TRP C 1 7  ? -8.978  -2.552 12.917  1.00 0.00 ? 11 TRP D O    1 
ATOM   568 C CB   . TRP C 1 7  ? -8.731  -3.357 10.184  1.00 0.00 ? 11 TRP D CB   1 
ATOM   569 C CG   . TRP C 1 7  ? -9.632  -2.631 9.238   1.00 0.00 ? 11 TRP D CG   1 
ATOM   570 C CD1  . TRP C 1 7  ? -10.537 -1.685 9.577   1.00 0.00 ? 11 TRP D CD1  1 
ATOM   571 C CD2  . TRP C 1 7  ? -9.690  -2.752 7.814   1.00 0.00 ? 11 TRP D CD2  1 
ATOM   572 N NE1  . TRP C 1 7  ? -11.195 -1.230 8.460   1.00 0.00 ? 11 TRP D NE1  1 
ATOM   573 C CE2  . TRP C 1 7  ? -10.688 -1.869 7.360   1.00 0.00 ? 11 TRP D CE2  1 
ATOM   574 C CE3  . TRP C 1 7  ? -9.006  -3.528 6.881   1.00 0.00 ? 11 TRP D CE3  1 
ATOM   575 C CZ2  . TRP C 1 7  ? -11.018 -1.745 6.014   1.00 0.00 ? 11 TRP D CZ2  1 
ATOM   576 C CZ3  . TRP C 1 7  ? -9.330  -3.402 5.542   1.00 0.00 ? 11 TRP D CZ3  1 
ATOM   577 C CH2  . TRP C 1 7  ? -10.330 -2.518 5.119   1.00 0.00 ? 11 TRP D CH2  1 
ATOM   578 H H    . TRP C 1 7  ? -6.250  -3.335 12.036  1.00 0.00 ? 11 TRP D H    1 
ATOM   579 H HA   . TRP C 1 7  ? -7.567  -1.578 10.193  1.00 0.00 ? 11 TRP D HA   1 
ATOM   580 H HB2  . TRP C 1 7  ? -8.177  -4.095 9.625   1.00 0.00 ? 11 TRP D HB2  1 
ATOM   581 H HB3  . TRP C 1 7  ? -9.343  -3.848 10.931  1.00 0.00 ? 11 TRP D HB3  1 
ATOM   582 H HD1  . TRP C 1 7  ? -10.705 -1.363 10.584  1.00 0.00 ? 11 TRP D HD1  1 
ATOM   583 H HE1  . TRP C 1 7  ? -11.906 -0.555 8.452   1.00 0.00 ? 11 TRP D HE1  1 
ATOM   584 H HE3  . TRP C 1 7  ? -8.230  -4.204 7.189   1.00 0.00 ? 11 TRP D HE3  1 
ATOM   585 H HZ2  . TRP C 1 7  ? -11.787 -1.066 5.674   1.00 0.00 ? 11 TRP D HZ2  1 
ATOM   586 H HZ3  . TRP C 1 7  ? -8.809  -3.996 4.805   1.00 0.00 ? 11 TRP D HZ3  1 
ATOM   587 H HH2  . TRP C 1 7  ? -10.550 -2.452 4.064   1.00 0.00 ? 11 TRP D HH2  1 
HETATM 588 N N    . DLE C 1 8  ? -8.044  -0.578 12.388  1.00 0.00 ? 12 DLE D N    1 
HETATM 589 C CA   . DLE C 1 8  ? -8.461  0.107  13.603  1.00 0.00 ? 12 DLE D CA   1 
HETATM 590 C CB   . DLE C 1 8  ? -9.099  1.464  13.305  1.00 0.00 ? 12 DLE D CB   1 
HETATM 591 C CG   . DLE C 1 8  ? -10.253 1.491  12.267  1.00 0.00 ? 12 DLE D CG   1 
HETATM 592 C CD1  . DLE C 1 8  ? -10.810 2.907  12.151  1.00 0.00 ? 12 DLE D CD1  1 
HETATM 593 C CD2  . DLE C 1 8  ? -11.387 0.495  12.577  1.00 0.00 ? 12 DLE D CD2  1 
HETATM 594 C C    . DLE C 1 8  ? -7.228  0.321  14.453  1.00 0.00 ? 12 DLE D C    1 
HETATM 595 O O    . DLE C 1 8  ? -6.235  0.871  13.986  1.00 0.00 ? 12 DLE D O    1 
HETATM 596 H H    . DLE C 1 8  ? -7.494  -0.094 11.739  1.00 0.00 ? 12 DLE D H    1 
HETATM 597 H HA   . DLE C 1 8  ? -9.149  -0.521 14.142  1.00 0.00 ? 12 DLE D HA   1 
HETATM 598 H HB2  . DLE C 1 8  ? -9.448  1.890  14.236  1.00 0.00 ? 12 DLE D HB2  1 
HETATM 599 H HB3  . DLE C 1 8  ? -8.309  2.098  12.938  1.00 0.00 ? 12 DLE D HB3  1 
HETATM 600 H HG   . DLE C 1 8  ? -9.847  1.226  11.302  1.00 0.00 ? 12 DLE D HG   1 
HETATM 601 H HD11 . DLE C 1 8  ? -10.512 3.487  13.011  1.00 0.00 ? 12 DLE D HD11 1 
HETATM 602 H HD12 . DLE C 1 8  ? -10.427 3.373  11.255  1.00 0.00 ? 12 DLE D HD12 1 
HETATM 603 H HD13 . DLE C 1 8  ? -11.889 2.869  12.100  1.00 0.00 ? 12 DLE D HD13 1 
HETATM 604 H HD21 . DLE C 1 8  ? -11.686 0.566  13.613  1.00 0.00 ? 12 DLE D HD21 1 
HETATM 605 H HD22 . DLE C 1 8  ? -12.239 0.726  11.951  1.00 0.00 ? 12 DLE D HD22 1 
HETATM 606 H HD23 . DLE C 1 8  ? -11.062 -0.511 12.362  1.00 0.00 ? 12 DLE D HD23 1 
ATOM   607 N N    . TRP C 1 9  ? -7.272  -0.123 15.690  1.00 0.00 ? 13 TRP D N    1 
ATOM   608 C CA   . TRP C 1 9  ? -6.120  0.031  16.556  1.00 0.00 ? 13 TRP D CA   1 
ATOM   609 C C    . TRP C 1 9  ? -6.139  -0.928 17.730  1.00 0.00 ? 13 TRP D C    1 
ATOM   610 O O    . TRP C 1 9  ? -6.835  -0.726 18.723  1.00 0.00 ? 13 TRP D O    1 
ATOM   611 C CB   . TRP C 1 9  ? -6.022  1.449  17.058  1.00 0.00 ? 13 TRP D CB   1 
ATOM   612 C CG   . TRP C 1 9  ? -4.611  1.906  17.256  1.00 0.00 ? 13 TRP D CG   1 
ATOM   613 C CD1  . TRP C 1 9  ? -3.875  1.870  18.404  1.00 0.00 ? 13 TRP D CD1  1 
ATOM   614 C CD2  . TRP C 1 9  ? -3.766  2.462  16.259  1.00 0.00 ? 13 TRP D CD2  1 
ATOM   615 N NE1  . TRP C 1 9  ? -2.624  2.394  18.178  1.00 0.00 ? 13 TRP D NE1  1 
ATOM   616 C CE2  . TRP C 1 9  ? -2.535  2.765  16.861  1.00 0.00 ? 13 TRP D CE2  1 
ATOM   617 C CE3  . TRP C 1 9  ? -3.946  2.737  14.912  1.00 0.00 ? 13 TRP D CE3  1 
ATOM   618 C CZ2  . TRP C 1 9  ? -1.482  3.335  16.152  1.00 0.00 ? 13 TRP D CZ2  1 
ATOM   619 C CZ3  . TRP C 1 9  ? -2.905  3.301  14.200  1.00 0.00 ? 13 TRP D CZ3  1 
ATOM   620 C CH2  . TRP C 1 9  ? -1.684  3.596  14.823  1.00 0.00 ? 13 TRP D CH2  1 
ATOM   621 H H    . TRP C 1 9  ? -8.081  -0.563 16.017  1.00 0.00 ? 13 TRP D H    1 
ATOM   622 H HA   . TRP C 1 9  ? -5.245  -0.179 15.962  1.00 0.00 ? 13 TRP D HA   1 
ATOM   623 H HB2  . TRP C 1 9  ? -6.493  2.111  16.348  1.00 0.00 ? 13 TRP D HB2  1 
ATOM   624 H HB3  . TRP C 1 9  ? -6.531  1.509  17.991  1.00 0.00 ? 13 TRP D HB3  1 
ATOM   625 H HD1  . TRP C 1 9  ? -4.236  1.489  19.342  1.00 0.00 ? 13 TRP D HD1  1 
ATOM   626 H HE1  . TRP C 1 9  ? -1.914  2.486  18.847  1.00 0.00 ? 13 TRP D HE1  1 
ATOM   627 H HE3  . TRP C 1 9  ? -4.881  2.501  14.427  1.00 0.00 ? 13 TRP D HE3  1 
ATOM   628 H HZ2  . TRP C 1 9  ? -0.535  3.568  16.619  1.00 0.00 ? 13 TRP D HZ2  1 
ATOM   629 H HZ3  . TRP C 1 9  ? -3.027  3.523  13.151  1.00 0.00 ? 13 TRP D HZ3  1 
ATOM   630 H HH2  . TRP C 1 9  ? -0.895  4.038  14.232  1.00 0.00 ? 13 TRP D HH2  1 
HETATM 631 N N    . DLE C 1 10 ? -5.335  -1.955 17.603  1.00 0.00 ? 14 DLE D N    1 
HETATM 632 C CA   . DLE C 1 10 ? -5.195  -2.970 18.642  1.00 0.00 ? 14 DLE D CA   1 
HETATM 633 C CB   . DLE C 1 10 ? -3.712  -3.210 18.939  1.00 0.00 ? 14 DLE D CB   1 
HETATM 634 C CG   . DLE C 1 10 ? -2.905  -1.953 19.271  1.00 0.00 ? 14 DLE D CG   1 
HETATM 635 C CD1  . DLE C 1 10 ? -1.498  -2.056 18.698  1.00 0.00 ? 14 DLE D CD1  1 
HETATM 636 C CD2  . DLE C 1 10 ? -2.855  -1.730 20.775  1.00 0.00 ? 14 DLE D CD2  1 
HETATM 637 C C    . DLE C 1 10 ? -5.855  -4.280 18.225  1.00 0.00 ? 14 DLE D C    1 
HETATM 638 O O    . DLE C 1 10 ? -5.475  -4.885 17.228  1.00 0.00 ? 14 DLE D O    1 
HETATM 639 H H    . DLE C 1 10 ? -4.804  -2.017 16.785  1.00 0.00 ? 14 DLE D H    1 
HETATM 640 H HA   . DLE C 1 10 ? -5.678  -2.604 19.535  1.00 0.00 ? 14 DLE D HA   1 
HETATM 641 H HB2  . DLE C 1 10 ? -3.639  -3.891 19.775  1.00 0.00 ? 14 DLE D HB2  1 
HETATM 642 H HB3  . DLE C 1 10 ? -3.264  -3.677 18.074  1.00 0.00 ? 14 DLE D HB3  1 
HETATM 643 H HG   . DLE C 1 10 ? -3.385  -1.095 18.822  1.00 0.00 ? 14 DLE D HG   1 
HETATM 644 H HD11 . DLE C 1 10 ? -1.437  -2.917 18.050  1.00 0.00 ? 14 DLE D HD11 1 
HETATM 645 H HD12 . DLE C 1 10 ? -1.274  -1.164 18.134  1.00 0.00 ? 14 DLE D HD12 1 
HETATM 646 H HD13 . DLE C 1 10 ? -0.789  -2.160 19.505  1.00 0.00 ? 14 DLE D HD13 1 
HETATM 647 H HD21 . DLE C 1 10 ? -3.044  -2.663 21.283  1.00 0.00 ? 14 DLE D HD21 1 
HETATM 648 H HD22 . DLE C 1 10 ? -1.877  -1.361 21.050  1.00 0.00 ? 14 DLE D HD22 1 
HETATM 649 H HD23 . DLE C 1 10 ? -3.605  -1.005 21.057  1.00 0.00 ? 14 DLE D HD23 1 
ATOM   650 N N    . TRP C 1 11 ? -6.841  -4.725 18.993  1.00 0.00 ? 15 TRP D N    1 
ATOM   651 C CA   . TRP C 1 11 ? -7.533  -5.971 18.682  1.00 0.00 ? 15 TRP D CA   1 
ATOM   652 C C    . TRP C 1 11 ? -8.923  -6.004 19.307  1.00 0.00 ? 15 TRP D C    1 
ATOM   653 O O    . TRP C 1 11 ? -9.368  -7.017 19.859  1.00 0.00 ? 15 TRP D O    1 
ATOM   654 C CB   . TRP C 1 11 ? -6.727  -7.176 19.166  1.00 0.00 ? 15 TRP D CB   1 
ATOM   655 C CG   . TRP C 1 11 ? -5.242  -6.972 19.146  1.00 0.00 ? 15 TRP D CG   1 
ATOM   656 C CD1  . TRP C 1 11 ? -4.520  -6.172 19.978  1.00 0.00 ? 15 TRP D CD1  1 
ATOM   657 C CD2  . TRP C 1 11 ? -4.302  -7.576 18.253  1.00 0.00 ? 15 TRP D CD2  1 
ATOM   658 N NE1  . TRP C 1 11 ? -3.182  -6.258 19.675  1.00 0.00 ? 15 TRP D NE1  1 
ATOM   659 C CE2  . TRP C 1 11 ? -3.024  -7.115 18.617  1.00 0.00 ? 15 TRP D CE2  1 
ATOM   660 C CE3  . TRP C 1 11 ? -4.420  -8.467 17.186  1.00 0.00 ? 15 TRP D CE3  1 
ATOM   661 C CZ2  . TRP C 1 11 ? -1.870  -7.521 17.952  1.00 0.00 ? 15 TRP D CZ2  1 
ATOM   662 C CZ3  . TRP C 1 11 ? -3.275  -8.869 16.525  1.00 0.00 ? 15 TRP D CZ3  1 
ATOM   663 C CH2  . TRP C 1 11 ? -2.014  -8.397 16.913  1.00 0.00 ? 15 TRP D CH2  1 
ATOM   664 H H    . TRP C 1 11 ? -7.106  -4.213 19.785  1.00 0.00 ? 15 TRP D H    1 
ATOM   665 H HA   . TRP C 1 11 ? -7.630  -6.032 17.610  1.00 0.00 ? 15 TRP D HA   1 
ATOM   666 H HB2  . TRP C 1 11 ? -7.014  -7.405 20.182  1.00 0.00 ? 15 TRP D HB2  1 
ATOM   667 H HB3  . TRP C 1 11 ? -6.954  -8.023 18.536  1.00 0.00 ? 15 TRP D HB3  1 
ATOM   668 H HD1  . TRP C 1 11 ? -4.950  -5.566 20.756  1.00 0.00 ? 15 TRP D HD1  1 
ATOM   669 H HE1  . TRP C 1 11 ? -2.461  -5.786 20.138  1.00 0.00 ? 15 TRP D HE1  1 
ATOM   670 H HE3  . TRP C 1 11 ? -5.384  -8.832 16.868  1.00 0.00 ? 15 TRP D HE3  1 
ATOM   671 H HZ2  . TRP C 1 11 ? -0.890  -7.167 18.239  1.00 0.00 ? 15 TRP D HZ2  1 
ATOM   672 H HZ3  . TRP C 1 11 ? -3.345  -9.560 15.698  1.00 0.00 ? 15 TRP D HZ3  1 
ATOM   673 H HH2  . TRP C 1 11 ? -1.146  -8.737 16.366  1.00 0.00 ? 15 TRP D HH2  1 
HETATM 674 C CA   . ETA C 1 12 ? -10.943 -4.745 19.755  1.00 0.00 ? 16 ETA D CA   1 
HETATM 675 N N    . ETA C 1 12 ? -9.573  -4.840 19.185  1.00 0.00 ? 16 ETA D N    1 
HETATM 676 C C    . ETA C 1 12 ? -11.979 -5.022 18.654  1.00 0.00 ? 16 ETA D C    1 
HETATM 677 O O    . ETA C 1 12 ? -12.999 -5.883 19.166  1.00 0.00 ? 16 ETA D O    1 
HETATM 678 H HA1  . ETA C 1 12 ? -11.055 -5.482 20.548  1.00 0.00 ? 16 ETA D HA1  1 
HETATM 679 H HA2  . ETA C 1 12 ? -11.099 -3.746 20.160  1.00 0.00 ? 16 ETA D HA2  1 
HETATM 680 H H    . ETA C 1 12 ? -9.095  -4.066 18.700  1.00 0.00 ? 16 ETA D H    1 
HETATM 681 H HB1  . ETA C 1 12 ? -12.425 -4.083 18.329  1.00 0.00 ? 16 ETA D HB1  1 
HETATM 682 H HB2  . ETA C 1 12 ? -11.489 -5.504 17.810  1.00 0.00 ? 16 ETA D HB2  1 
HETATM 683 H HO   . ETA C 1 12 ? -13.724 -5.928 18.537  1.00 0.00 ? 16 ETA D HO   1 
ATOM   684 N N    . ALA D 2 1  ? 4.000   0.683  -0.955  1.00 0.00 ? 5  ALA E N    1 
ATOM   685 C CA   . ALA D 2 1  ? 4.981   1.763  -1.045  1.00 0.00 ? 5  ALA E CA   1 
ATOM   686 C C    . ALA D 2 1  ? 4.775   2.585  -2.311  1.00 0.00 ? 5  ALA E C    1 
ATOM   687 O O    . ALA D 2 1  ? 5.659   2.656  -3.163  1.00 0.00 ? 5  ALA E O    1 
ATOM   688 C CB   . ALA D 2 1  ? 6.392   1.193  -1.012  1.00 0.00 ? 5  ALA E CB   1 
ATOM   689 H H1   . ALA D 2 1  ? 3.738   0.215  -1.779  1.00 0.00 ? 5  ALA E H1   1 
ATOM   690 H HA   . ALA D 2 1  ? 4.863   2.409  -0.184  1.00 0.00 ? 5  ALA E HA   1 
ATOM   691 H HB1  . ALA D 2 1  ? 6.365   0.189  -0.615  1.00 0.00 ? 5  ALA E HB1  1 
ATOM   692 H HB2  . ALA D 2 1  ? 6.796   1.173  -2.013  1.00 0.00 ? 5  ALA E HB2  1 
ATOM   693 H HB3  . ALA D 2 1  ? 7.016   1.812  -0.383  1.00 0.00 ? 5  ALA E HB3  1 
HETATM 694 N N    . DVA D 2 2  ? 3.611   3.215  -2.425  1.00 0.00 ? 6  DVA E N    1 
HETATM 695 C CA   . DVA D 2 2  ? 3.308   4.041  -3.591  1.00 0.00 ? 6  DVA E CA   1 
HETATM 696 C CB   . DVA D 2 2  ? 3.431   5.564  -3.272  1.00 0.00 ? 6  DVA E CB   1 
HETATM 697 C CG1  . DVA D 2 2  ? 2.189   6.115  -2.568  1.00 0.00 ? 6  DVA E CG1  1 
HETATM 698 C CG2  . DVA D 2 2  ? 4.676   5.855  -2.434  1.00 0.00 ? 6  DVA E CG2  1 
HETATM 699 C C    . DVA D 2 2  ? 1.924   3.740  -4.158  1.00 0.00 ? 6  DVA E C    1 
HETATM 700 O O    . DVA D 2 2  ? 0.953   3.589  -3.416  1.00 0.00 ? 6  DVA E O    1 
HETATM 701 H H    . DVA D 2 2  ? 2.949   3.129  -1.707  1.00 0.00 ? 6  DVA E H    1 
HETATM 702 H HA   . DVA D 2 2  ? 4.039   3.804  -4.355  1.00 0.00 ? 6  DVA E HA   1 
HETATM 703 H HB   . DVA D 2 2  ? 3.535   6.089  -4.210  1.00 0.00 ? 6  DVA E HB   1 
HETATM 704 H HG11 . DVA D 2 2  ? 1.299   5.775  -3.073  1.00 0.00 ? 6  DVA E HG11 1 
HETATM 705 H HG12 . DVA D 2 2  ? 2.174   5.781  -1.542  1.00 0.00 ? 6  DVA E HG12 1 
HETATM 706 H HG13 . DVA D 2 2  ? 2.218   7.195  -2.590  1.00 0.00 ? 6  DVA E HG13 1 
HETATM 707 H HG21 . DVA D 2 2  ? 4.948   4.980  -1.860  1.00 0.00 ? 6  DVA E HG21 1 
HETATM 708 H HG22 . DVA D 2 2  ? 5.494   6.132  -3.082  1.00 0.00 ? 6  DVA E HG22 1 
HETATM 709 H HG23 . DVA D 2 2  ? 4.467   6.670  -1.757  1.00 0.00 ? 6  DVA E HG23 1 
ATOM   710 N N    . VAL D 2 3  ? 1.846   3.672  -5.482  1.00 0.00 ? 7  VAL E N    1 
ATOM   711 C CA   . VAL D 2 3  ? 0.592   3.408  -6.172  1.00 0.00 ? 7  VAL E CA   1 
ATOM   712 C C    . VAL D 2 3  ? 0.887   2.662  -7.472  1.00 0.00 ? 7  VAL E C    1 
ATOM   713 O O    . VAL D 2 3  ? 0.980   3.262  -8.542  1.00 0.00 ? 7  VAL E O    1 
ATOM   714 C CB   . VAL D 2 3  ? -0.163  4.745  -6.431  1.00 0.00 ? 7  VAL E CB   1 
ATOM   715 C CG1  . VAL D 2 3  ? -1.036  4.711  -7.680  1.00 0.00 ? 7  VAL E CG1  1 
ATOM   716 C CG2  . VAL D 2 3  ? -0.998  5.111  -5.213  1.00 0.00 ? 7  VAL E CG2  1 
ATOM   717 H H    . VAL D 2 3  ? 2.659   3.811  -6.018  1.00 0.00 ? 7  VAL E H    1 
ATOM   718 H HA   . VAL D 2 3  ? -0.016  2.785  -5.533  1.00 0.00 ? 7  VAL E HA   1 
ATOM   719 H HB   . VAL D 2 3  ? 0.575   5.519  -6.568  1.00 0.00 ? 7  VAL E HB   1 
ATOM   720 H HG11 . VAL D 2 3  ? -1.272  3.688  -7.931  1.00 0.00 ? 7  VAL E HG11 1 
ATOM   721 H HG12 . VAL D 2 3  ? -1.950  5.258  -7.497  1.00 0.00 ? 7  VAL E HG12 1 
ATOM   722 H HG13 . VAL D 2 3  ? -0.500  5.170  -8.499  1.00 0.00 ? 7  VAL E HG13 1 
ATOM   723 H HG21 . VAL D 2 3  ? -0.381  5.064  -4.327  1.00 0.00 ? 7  VAL E HG21 1 
ATOM   724 H HG22 . VAL D 2 3  ? -1.385  6.112  -5.329  1.00 0.00 ? 7  VAL E HG22 1 
ATOM   725 H HG23 . VAL D 2 3  ? -1.819  4.415  -5.117  1.00 0.00 ? 7  VAL E HG23 1 
HETATM 726 N N    . DVA D 2 4  ? 1.096   1.355  -7.363  1.00 0.00 ? 8  DVA E N    1 
HETATM 727 C CA   . DVA D 2 4  ? 1.438   0.556  -8.528  1.00 0.00 ? 8  DVA E CA   1 
HETATM 728 C CB   . DVA D 2 4  ? 0.299   -0.422 -8.972  1.00 0.00 ? 8  DVA E CB   1 
HETATM 729 C CG1  . DVA D 2 4  ? 0.483   -1.833 -8.419  1.00 0.00 ? 8  DVA E CG1  1 
HETATM 730 C CG2  . DVA D 2 4  ? -1.080  0.121  -8.606  1.00 0.00 ? 8  DVA E CG2  1 
HETATM 731 C C    . DVA D 2 4  ? 2.750   -0.192 -8.290  1.00 0.00 ? 8  DVA E C    1 
HETATM 732 O O    . DVA D 2 4  ? 3.471   0.086  -7.338  1.00 0.00 ? 8  DVA E O    1 
HETATM 733 H H    . DVA D 2 4  ? 1.060   0.931  -6.474  1.00 0.00 ? 8  DVA E H    1 
HETATM 734 H HA   . DVA D 2 4  ? 1.604   1.242  -9.336  1.00 0.00 ? 8  DVA E HA   1 
HETATM 735 H HB   . DVA D 2 4  ? 0.341   -0.495 -10.050 1.00 0.00 ? 8  DVA E HB   1 
HETATM 736 H HG11 . DVA D 2 4  ? 1.090   -1.789 -7.525  1.00 0.00 ? 8  DVA E HG11 1 
HETATM 737 H HG12 . DVA D 2 4  ? -0.479  -2.259 -8.185  1.00 0.00 ? 8  DVA E HG12 1 
HETATM 738 H HG13 . DVA D 2 4  ? 0.983   -2.449 -9.165  1.00 0.00 ? 8  DVA E HG13 1 
HETATM 739 H HG21 . DVA D 2 4  ? -1.020  1.183  -8.417  1.00 0.00 ? 8  DVA E HG21 1 
HETATM 740 H HG22 . DVA D 2 4  ? -1.763  -0.057 -9.425  1.00 0.00 ? 8  DVA E HG22 1 
HETATM 741 H HG23 . DVA D 2 4  ? -1.446  -0.383 -7.723  1.00 0.00 ? 8  DVA E HG23 1 
ATOM   742 N N    . TRP D 2 5  ? 3.017   -1.163 -9.141  1.00 0.00 ? 9  TRP E N    1 
ATOM   743 C CA   . TRP D 2 5  ? 4.185   -1.997 -9.038  1.00 0.00 ? 9  TRP E CA   1 
ATOM   744 C C    . TRP D 2 5  ? 5.365   -1.443 -9.831  1.00 0.00 ? 9  TRP E C    1 
ATOM   745 O O    . TRP D 2 5  ? 5.807   -2.057 -10.800 1.00 0.00 ? 9  TRP E O    1 
ATOM   746 C CB   . TRP D 2 5  ? 3.820   -3.357 -9.585  1.00 0.00 ? 9  TRP E CB   1 
ATOM   747 C CG   . TRP D 2 5  ? 4.817   -4.416 -9.238  1.00 0.00 ? 9  TRP E CG   1 
ATOM   748 C CD1  . TRP D 2 5  ? 5.730   -4.999 -10.066 1.00 0.00 ? 9  TRP E CD1  1 
ATOM   749 C CD2  . TRP D 2 5  ? 5.008   -5.000 -7.958  1.00 0.00 ? 9  TRP E CD2  1 
ATOM   750 N NE1  . TRP D 2 5  ? 6.467   -5.928 -9.372  1.00 0.00 ? 9  TRP E NE1  1 
ATOM   751 C CE2  . TRP D 2 5  ? 6.041   -5.944 -8.071  1.00 0.00 ? 9  TRP E CE2  1 
ATOM   752 C CE3  . TRP D 2 5  ? 4.393   -4.814 -6.731  1.00 0.00 ? 9  TRP E CE3  1 
ATOM   753 C CZ2  . TRP D 2 5  ? 6.476   -6.702 -6.988  1.00 0.00 ? 9  TRP E CZ2  1 
ATOM   754 C CZ3  . TRP D 2 5  ? 4.822   -5.562 -5.652  1.00 0.00 ? 9  TRP E CZ3  1 
ATOM   755 C CH2  . TRP D 2 5  ? 5.856   -6.497 -5.786  1.00 0.00 ? 9  TRP E CH2  1 
ATOM   756 H H    . TRP D 2 5  ? 2.376   -1.358 -9.846  1.00 0.00 ? 9  TRP E H    1 
ATOM   757 H HA   . TRP D 2 5  ? 4.439   -2.106 -7.995  1.00 0.00 ? 9  TRP E HA   1 
ATOM   758 H HB2  . TRP D 2 5  ? 2.853   -3.645 -9.196  1.00 0.00 ? 9  TRP E HB2  1 
ATOM   759 H HB3  . TRP D 2 5  ? 3.754   -3.284 -10.643 1.00 0.00 ? 9  TRP E HB3  1 
ATOM   760 H HD1  . TRP D 2 5  ? 5.842   -4.758 -11.110 1.00 0.00 ? 9  TRP E HD1  1 
ATOM   761 H HE1  . TRP D 2 5  ? 7.183   -6.485 -9.745  1.00 0.00 ? 9  TRP E HE1  1 
ATOM   762 H HE3  . TRP D 2 5  ? 3.593   -4.095 -6.620  1.00 0.00 ? 9  TRP E HE3  1 
ATOM   763 H HZ2  . TRP D 2 5  ? 7.273   -7.426 -7.078  1.00 0.00 ? 9  TRP E HZ2  1 
ATOM   764 H HZ3  . TRP D 2 5  ? 4.361   -5.428 -4.689  1.00 0.00 ? 9  TRP E HZ3  1 
ATOM   765 H HH2  . TRP D 2 5  ? 6.160   -7.061 -4.917  1.00 0.00 ? 9  TRP E HH2  1 
HETATM 766 N N    . DLE D 2 6  ? 5.887   -0.302 -9.414  1.00 0.00 ? 10 DLE E N    1 
HETATM 767 C CA   . DLE D 2 6  ? 7.034   0.296  -10.094 1.00 0.00 ? 10 DLE E CA   1 
HETATM 768 C CB   . DLE D 2 6  ? 8.310   0.009  -9.304  1.00 0.00 ? 10 DLE E CB   1 
HETATM 769 C CG   . DLE D 2 6  ? 8.344   -1.369 -8.635  1.00 0.00 ? 10 DLE E CG   1 
HETATM 770 C CD1  . DLE D 2 6  ? 9.030   -2.382 -9.537  1.00 0.00 ? 10 DLE E CD1  1 
HETATM 771 C CD2  . DLE D 2 6  ? 9.041   -1.298 -7.285  1.00 0.00 ? 10 DLE E CD2  1 
HETATM 772 C C    . DLE D 2 6  ? 6.839   1.795  -10.271 1.00 0.00 ? 10 DLE E C    1 
HETATM 773 O O    . DLE D 2 6  ? 6.560   2.501  -9.326  1.00 0.00 ? 10 DLE E O    1 
HETATM 774 H H    . DLE D 2 6  ? 5.512   0.134  -8.624  1.00 0.00 ? 10 DLE E H    1 
HETATM 775 H HA   . DLE D 2 6  ? 7.112   -0.170 -11.060 1.00 0.00 ? 10 DLE E HA   1 
HETATM 776 H HB2  . DLE D 2 6  ? 9.152   0.084  -9.978  1.00 0.00 ? 10 DLE E HB2  1 
HETATM 777 H HB3  . DLE D 2 6  ? 8.413   0.760  -8.537  1.00 0.00 ? 10 DLE E HB3  1 
HETATM 778 H HG   . DLE D 2 6  ? 7.330   -1.704 -8.470  1.00 0.00 ? 10 DLE E HG   1 
HETATM 779 H HD11 . DLE D 2 6  ? 9.358   -1.896 -10.442 1.00 0.00 ? 10 DLE E HD11 1 
HETATM 780 H HD12 . DLE D 2 6  ? 9.882   -2.802 -9.023  1.00 0.00 ? 10 DLE E HD12 1 
HETATM 781 H HD13 . DLE D 2 6  ? 8.335   -3.172 -9.782  1.00 0.00 ? 10 DLE E HD13 1 
HETATM 782 H HD21 . DLE D 2 6  ? 10.018  -0.853 -7.406  1.00 0.00 ? 10 DLE E HD21 1 
HETATM 783 H HD22 . DLE D 2 6  ? 8.454   -0.698 -6.606  1.00 0.00 ? 10 DLE E HD22 1 
HETATM 784 H HD23 . DLE D 2 6  ? 9.147   -2.297 -6.884  1.00 0.00 ? 10 DLE E HD23 1 
ATOM   785 N N    . TRP D 2 7  ? 6.975   2.296  -11.479 1.00 0.00 ? 11 TRP E N    1 
ATOM   786 C CA   . TRP D 2 7  ? 6.769   3.716  -11.698 1.00 0.00 ? 11 TRP E CA   1 
ATOM   787 C C    . TRP D 2 7  ? 6.365   3.976  -13.141 1.00 0.00 ? 11 TRP E C    1 
ATOM   788 O O    . TRP D 2 7  ? 7.135   3.736  -14.059 1.00 0.00 ? 11 TRP E O    1 
ATOM   789 C CB   . TRP D 2 7  ? 8.002   4.519  -11.303 1.00 0.00 ? 11 TRP E CB   1 
ATOM   790 C CG   . TRP D 2 7  ? 7.626   5.852  -10.743 1.00 0.00 ? 11 TRP E CG   1 
ATOM   791 C CD1  . TRP D 2 7  ? 6.978   6.836  -11.406 1.00 0.00 ? 11 TRP E CD1  1 
ATOM   792 C CD2  . TRP D 2 7  ? 7.830   6.335  -9.411  1.00 0.00 ? 11 TRP E CD2  1 
ATOM   793 N NE1  . TRP D 2 7  ? 6.797   7.926  -10.593 1.00 0.00 ? 11 TRP E NE1  1 
ATOM   794 C CE2  . TRP D 2 7  ? 7.312   7.643  -9.357  1.00 0.00 ? 11 TRP E CE2  1 
ATOM   795 C CE3  . TRP D 2 7  ? 8.411   5.797  -8.265  1.00 0.00 ? 11 TRP E CE3  1 
ATOM   796 C CZ2  . TRP D 2 7  ? 7.359   8.417  -8.203  1.00 0.00 ? 11 TRP E CZ2  1 
ATOM   797 C CZ3  . TRP D 2 7  ? 8.456   6.563  -7.115  1.00 0.00 ? 11 TRP E CZ3  1 
ATOM   798 C CH2  . TRP D 2 7  ? 7.936   7.863  -7.094  1.00 0.00 ? 11 TRP E CH2  1 
ATOM   799 H H    . TRP D 2 7  ? 7.202   1.712  -12.236 1.00 0.00 ? 11 TRP E H    1 
ATOM   800 H HA   . TRP D 2 7  ? 5.950   4.020  -11.058 1.00 0.00 ? 11 TRP E HA   1 
ATOM   801 H HB2  . TRP D 2 7  ? 8.558   3.977  -10.552 1.00 0.00 ? 11 TRP E HB2  1 
ATOM   802 H HB3  . TRP D 2 7  ? 8.627   4.678  -12.174 1.00 0.00 ? 11 TRP E HB3  1 
ATOM   803 H HD1  . TRP D 2 7  ? 6.668   6.750  -12.427 1.00 0.00 ? 11 TRP E HD1  1 
ATOM   804 H HE1  . TRP D 2 7  ? 6.368   8.768  -10.855 1.00 0.00 ? 11 TRP E HE1  1 
ATOM   805 H HE3  . TRP D 2 7  ? 8.806   4.796  -8.264  1.00 0.00 ? 11 TRP E HE3  1 
ATOM   806 H HZ2  . TRP D 2 7  ? 6.961   9.421  -8.169  1.00 0.00 ? 11 TRP E HZ2  1 
ATOM   807 H HZ3  . TRP D 2 7  ? 8.904   6.162  -6.220  1.00 0.00 ? 11 TRP E HZ3  1 
ATOM   808 H HH2  . TRP D 2 7  ? 7.993   8.427  -6.175  1.00 0.00 ? 11 TRP E HH2  1 
HETATM 809 N N    . DLE D 2 8  ? 5.123   4.410  -13.330 1.00 0.00 ? 12 DLE E N    1 
HETATM 810 C CA   . DLE D 2 8  ? 4.580   4.638  -14.668 1.00 0.00 ? 12 DLE E CA   1 
HETATM 811 C CB   . DLE D 2 8  ? 3.568   5.786  -14.675 1.00 0.00 ? 12 DLE E CB   1 
HETATM 812 C CG   . DLE D 2 8  ? 4.015   7.128  -14.027 1.00 0.00 ? 12 DLE E CG   1 
HETATM 813 C CD1  . DLE D 2 8  ? 2.861   8.123  -14.051 1.00 0.00 ? 12 DLE E CD1  1 
HETATM 814 C CD2  . DLE D 2 8  ? 5.258   7.764  -14.683 1.00 0.00 ? 12 DLE E CD2  1 
HETATM 815 C C    . DLE D 2 8  ? 3.899   3.361  -15.117 1.00 0.00 ? 12 DLE E C    1 
HETATM 816 O O    . DLE D 2 8  ? 3.087   2.790  -14.396 1.00 0.00 ? 12 DLE E O    1 
HETATM 817 H H    . DLE D 2 8  ? 4.541   4.533  -12.551 1.00 0.00 ? 12 DLE E H    1 
HETATM 818 H HA   . DLE D 2 8  ? 5.388   4.846  -15.348 1.00 0.00 ? 12 DLE E HA   1 
HETATM 819 H HB2  . DLE D 2 8  ? 3.262   5.965  -15.698 1.00 0.00 ? 12 DLE E HB2  1 
HETATM 820 H HB3  . DLE D 2 8  ? 2.703   5.433  -14.137 1.00 0.00 ? 12 DLE E HB3  1 
HETATM 821 H HG   . DLE D 2 8  ? 4.259   6.942  -12.992 1.00 0.00 ? 12 DLE E HG   1 
HETATM 822 H HD11 . DLE D 2 8  ? 2.255   7.957  -14.927 1.00 0.00 ? 12 DLE E HD11 1 
HETATM 823 H HD12 . DLE D 2 8  ? 2.256   7.997  -13.166 1.00 0.00 ? 12 DLE E HD12 1 
HETATM 824 H HD13 . DLE D 2 8  ? 3.255   9.129  -14.073 1.00 0.00 ? 12 DLE E HD13 1 
HETATM 825 H HD21 . DLE D 2 8  ? 5.070   7.977  -15.727 1.00 0.00 ? 12 DLE E HD21 1 
HETATM 826 H HD22 . DLE D 2 8  ? 5.484   8.692  -14.176 1.00 0.00 ? 12 DLE E HD22 1 
HETATM 827 H HD23 . DLE D 2 8  ? 6.109   7.106  -14.596 1.00 0.00 ? 12 DLE E HD23 1 
ATOM   828 N N    . TRP D 2 9  ? 4.248   2.889  -16.290 1.00 0.00 ? 13 TRP E N    1 
ATOM   829 C CA   . TRP D 2 9  ? 3.673   1.649  -16.778 1.00 0.00 ? 13 TRP E CA   1 
ATOM   830 C C    . TRP D 2 9  ? 4.535   1.037  -17.855 1.00 0.00 ? 13 TRP E C    1 
ATOM   831 O O    . TRP D 2 9  ? 4.522   1.447  -19.013 1.00 0.00 ? 13 TRP E O    1 
ATOM   832 C CB   . TRP D 2 9  ? 2.274   1.856  -17.280 1.00 0.00 ? 13 TRP E CB   1 
ATOM   833 C CG   . TRP D 2 9  ? 1.416   0.654  -17.077 1.00 0.00 ? 13 TRP E CG   1 
ATOM   834 C CD1  . TRP D 2 9  ? 1.175   -0.349 -17.963 1.00 0.00 ? 13 TRP E CD1  1 
ATOM   835 C CD2  . TRP D 2 9  ? 0.710   0.325  -15.892 1.00 0.00 ? 13 TRP E CD2  1 
ATOM   836 N NE1  . TRP D 2 9  ? 0.335   -1.283 -17.399 1.00 0.00 ? 13 TRP E NE1  1 
ATOM   837 C CE2  . TRP D 2 9  ? 0.035   -0.886 -16.120 1.00 0.00 ? 13 TRP E CE2  1 
ATOM   838 C CE3  . TRP D 2 9  ? 0.583   0.951  -14.661 1.00 0.00 ? 13 TRP E CE3  1 
ATOM   839 C CZ2  . TRP D 2 9  ? -0.762  -1.484 -15.148 1.00 0.00 ? 13 TRP E CZ2  1 
ATOM   840 C CZ3  . TRP D 2 9  ? -0.205  0.361  -13.691 1.00 0.00 ? 13 TRP E CZ3  1 
ATOM   841 C CH2  . TRP D 2 9  ? -0.871  -0.848 -13.941 1.00 0.00 ? 13 TRP E CH2  1 
ATOM   842 H H    . TRP D 2 9  ? 4.917   3.371  -16.830 1.00 0.00 ? 13 TRP E H    1 
ATOM   843 H HA   . TRP D 2 9  ? 3.640   0.964  -15.944 1.00 0.00 ? 13 TRP E HA   1 
ATOM   844 H HB2  . TRP D 2 9  ? 1.826   2.688  -16.757 1.00 0.00 ? 13 TRP E HB2  1 
ATOM   845 H HB3  . TRP D 2 9  ? 2.321   2.066  -18.320 1.00 0.00 ? 13 TRP E HB3  1 
ATOM   846 H HD1  . TRP D 2 9  ? 1.585   -0.390 -18.958 1.00 0.00 ? 13 TRP E HD1  1 
ATOM   847 H HE1  . TRP D 2 9  ? 0.006   -2.094 -17.838 1.00 0.00 ? 13 TRP E HE1  1 
ATOM   848 H HE3  . TRP D 2 9  ? 1.098   1.880  -14.463 1.00 0.00 ? 13 TRP E HE3  1 
ATOM   849 H HZ2  . TRP D 2 9  ? -1.279  -2.416 -15.326 1.00 0.00 ? 13 TRP E HZ2  1 
ATOM   850 H HZ3  . TRP D 2 9  ? -0.317  0.834  -12.726 1.00 0.00 ? 13 TRP E HZ3  1 
ATOM   851 H HH2  . TRP D 2 9  ? -1.477  -1.276 -13.156 1.00 0.00 ? 13 TRP E HH2  1 
HETATM 852 N N    . DLE D 2 10 ? 5.300   0.068  -17.432 1.00 0.00 ? 14 DLE E N    1 
HETATM 853 C CA   . DLE D 2 10 ? 6.233   -0.626 -18.296 1.00 0.00 ? 14 DLE E CA   1 
HETATM 854 C CB   . DLE D 2 10 ? 6.106   -2.142 -18.118 1.00 0.00 ? 14 DLE E CB   1 
HETATM 855 C CG   . DLE D 2 10 ? 4.679   -2.693 -18.215 1.00 0.00 ? 14 DLE E CG   1 
HETATM 856 C CD1  . DLE D 2 10 ? 4.525   -3.926 -17.340 1.00 0.00 ? 14 DLE E CD1  1 
HETATM 857 C CD2  . DLE D 2 10 ? 4.321   -3.018 -19.659 1.00 0.00 ? 14 DLE E CD2  1 
HETATM 858 C C    . DLE D 2 10 ? 7.635   -0.145 -17.946 1.00 0.00 ? 14 DLE E C    1 
HETATM 859 O O    . DLE D 2 10 ? 7.784   0.753  -17.119 1.00 0.00 ? 14 DLE E O    1 
HETATM 860 H H    . DLE D 2 10 ? 5.249   -0.176 -16.492 1.00 0.00 ? 14 DLE E H    1 
HETATM 861 H HA   . DLE D 2 10 ? 6.012   -0.358 -19.319 1.00 0.00 ? 14 DLE E HA   1 
HETATM 862 H HB2  . DLE D 2 10 ? 6.711   -2.625 -18.869 1.00 0.00 ? 14 DLE E HB2  1 
HETATM 863 H HB3  . DLE D 2 10 ? 6.496   -2.398 -17.145 1.00 0.00 ? 14 DLE E HB3  1 
HETATM 864 H HG   . DLE D 2 10 ? 3.987   -1.943 -17.860 1.00 0.00 ? 14 DLE E HG   1 
HETATM 865 H HD11 . DLE D 2 10 ? 5.147   -3.826 -16.464 1.00 0.00 ? 14 DLE E HD11 1 
HETATM 866 H HD12 . DLE D 2 10 ? 3.492   -4.028 -17.040 1.00 0.00 ? 14 DLE E HD12 1 
HETATM 867 H HD13 . DLE D 2 10 ? 4.826   -4.801 -17.896 1.00 0.00 ? 14 DLE E HD13 1 
HETATM 868 H HD21 . DLE D 2 10 ? 5.198   -3.368 -20.180 1.00 0.00 ? 14 DLE E HD21 1 
HETATM 869 H HD22 . DLE D 2 10 ? 3.562   -3.787 -19.674 1.00 0.00 ? 14 DLE E HD22 1 
HETATM 870 H HD23 . DLE D 2 10 ? 3.940   -2.131 -20.145 1.00 0.00 ? 14 DLE E HD23 1 
ATOM   871 N N    . TRP D 2 11 ? 8.656   -0.708 -18.562 1.00 0.00 ? 15 TRP E N    1 
ATOM   872 C CA   . TRP D 2 11 ? 10.020  -0.275 -18.281 1.00 0.00 ? 15 TRP E CA   1 
ATOM   873 C C    . TRP D 2 11 ? 10.403  0.873  -19.215 1.00 0.00 ? 15 TRP E C    1 
ATOM   874 O O    . TRP D 2 11 ? 9.611   1.804  -19.392 1.00 0.00 ? 15 TRP E O    1 
ATOM   875 C CB   . TRP D 2 11 ? 10.999  -1.440 -18.432 1.00 0.00 ? 15 TRP E CB   1 
ATOM   876 C CG   . TRP D 2 11 ? 10.457  -2.746 -17.934 1.00 0.00 ? 15 TRP E CG   1 
ATOM   877 C CD1  . TRP D 2 11 ? 9.497   -3.511 -18.525 1.00 0.00 ? 15 TRP E CD1  1 
ATOM   878 C CD2  . TRP D 2 11 ? 10.843  -3.439 -16.742 1.00 0.00 ? 15 TRP E CD2  1 
ATOM   879 N NE1  . TRP D 2 11 ? 9.272   -4.646 -17.783 1.00 0.00 ? 15 TRP E NE1  1 
ATOM   880 C CE2  . TRP D 2 11 ? 10.086  -4.624 -16.683 1.00 0.00 ? 15 TRP E CE2  1 
ATOM   881 C CE3  . TRP D 2 11 ? 11.760  -3.176 -15.721 1.00 0.00 ? 15 TRP E CE3  1 
ATOM   882 C CZ2  . TRP D 2 11 ? 10.219  -5.543 -15.646 1.00 0.00 ? 15 TRP E CZ2  1 
ATOM   883 C CZ3  . TRP D 2 11 ? 11.891  -4.087 -14.690 1.00 0.00 ? 15 TRP E CZ3  1 
ATOM   884 C CH2  . TRP D 2 11 ? 11.125  -5.260 -14.661 1.00 0.00 ? 15 TRP E CH2  1 
ATOM   885 H H    . TRP D 2 11 ? 8.497   -1.411 -19.224 1.00 0.00 ? 15 TRP E H    1 
ATOM   886 H HA   . TRP D 2 11 ? 10.054  0.082  -17.259 1.00 0.00 ? 15 TRP E HA   1 
ATOM   887 H HB2  . TRP D 2 11 ? 11.247  -1.558 -19.476 1.00 0.00 ? 15 TRP E HB2  1 
ATOM   888 H HB3  . TRP D 2 11 ? 11.899  -1.218 -17.877 1.00 0.00 ? 15 TRP E HB3  1 
ATOM   889 H HD1  . TRP D 2 11 ? 8.997   -3.251 -19.443 1.00 0.00 ? 15 TRP E HD1  1 
ATOM   890 H HE1  . TRP D 2 11 ? 8.632   -5.354 -18.007 1.00 0.00 ? 15 TRP E HE1  1 
ATOM   891 H HE3  . TRP D 2 11 ? 12.352  -2.275 -15.724 1.00 0.00 ? 15 TRP E HE3  1 
ATOM   892 H HZ2  . TRP D 2 11 ? 9.638   -6.451 -15.609 1.00 0.00 ? 15 TRP E HZ2  1 
ATOM   893 H HZ3  . TRP D 2 11 ? 12.595  -3.900 -13.894 1.00 0.00 ? 15 TRP E HZ3  1 
ATOM   894 H HH2  . TRP D 2 11 ? 11.259  -5.944 -13.838 1.00 0.00 ? 15 TRP E HH2  1 
HETATM 895 C CA   . ETA D 2 12 ? 12.269  2.184  -20.039 1.00 0.00 ? 16 ETA E CA   1 
HETATM 896 N N    . ETA D 2 12 ? 11.732  1.014  -19.286 1.00 0.00 ? 16 ETA E N    1 
HETATM 897 C C    . ETA D 2 12 ? 12.048  3.474  -19.224 1.00 0.00 ? 16 ETA E C    1 
HETATM 898 O O    . ETA D 2 12 ? 11.968  4.590  -20.112 1.00 0.00 ? 16 ETA E O    1 
HETATM 899 H HA1  . ETA D 2 12 ? 11.752  2.264  -20.994 1.00 0.00 ? 16 ETA E HA1  1 
HETATM 900 H HA2  . ETA D 2 12 ? 13.336  2.041  -20.212 1.00 0.00 ? 16 ETA E HA2  1 
HETATM 901 H H    . ETA D 2 12 ? 12.316  0.372  -18.735 1.00 0.00 ? 16 ETA E H    1 
HETATM 902 H HB1  . ETA D 2 12 ? 12.882  3.618  -18.535 1.00 0.00 ? 16 ETA E HB1  1 
HETATM 903 H HB2  . ETA D 2 12 ? 11.118  3.397  -18.655 1.00 0.00 ? 16 ETA E HB2  1 
HETATM 904 H HO   . ETA D 2 12 ? 11.182  4.511  -20.656 1.00 0.00 ? 16 ETA E HO   1 
# 
loop_
_pdbx_poly_seq_scheme.asym_id 
_pdbx_poly_seq_scheme.entity_id 
_pdbx_poly_seq_scheme.seq_id 
_pdbx_poly_seq_scheme.mon_id 
_pdbx_poly_seq_scheme.ndb_seq_num 
_pdbx_poly_seq_scheme.pdb_seq_num 
_pdbx_poly_seq_scheme.auth_seq_num 
_pdbx_poly_seq_scheme.pdb_mon_id 
_pdbx_poly_seq_scheme.auth_mon_id 
_pdbx_poly_seq_scheme.pdb_strand_id 
_pdbx_poly_seq_scheme.pdb_ins_code 
_pdbx_poly_seq_scheme.hetero 
A 1 1  X5P 1  5  5  X5P XXX A . n 
A 1 2  DVA 2  6  6  DVA DVA A . n 
A 1 3  VAL 3  7  7  VAL VAL A . n 
A 1 4  DVA 4  8  8  DVA DVA A . n 
A 1 5  TRP 5  9  9  TRP TRP A . n 
A 1 6  DLE 6  10 10 DLE DLE A . n 
A 1 7  TRP 7  11 11 TRP TRP A . n 
A 1 8  DLE 8  12 12 DLE DLE A . n 
A 1 9  TRP 9  13 13 TRP TRP A . n 
A 1 10 DLE 10 14 14 DLE DLE A . n 
A 1 11 TRP 11 15 15 TRP TRP A . n 
A 1 12 ETA 12 16 16 ETA ETA A . n 
B 2 1  ALA 1  5  5  ALA ALA B . n 
B 2 2  DVA 2  6  6  DVA DVA B . n 
B 2 3  VAL 3  7  7  VAL VAL B . n 
B 2 4  DVA 4  8  8  DVA DVA B . n 
B 2 5  TRP 5  9  9  TRP TRP B . n 
B 2 6  DLE 6  10 10 DLE DLE B . n 
B 2 7  TRP 7  11 11 TRP TRP B . n 
B 2 8  DLE 8  12 12 DLE DLE B . n 
B 2 9  TRP 9  13 13 TRP TRP B . n 
B 2 10 DLE 10 14 14 DLE DLE B . n 
B 2 11 TRP 11 15 15 TRP TRP B . n 
B 2 12 ETA 12 16 16 ETA ETA B . n 
C 1 1  X5P 1  5  5  X5P XXX D . n 
C 1 2  DVA 2  6  6  DVA DVA D . n 
C 1 3  VAL 3  7  7  VAL VAL D . n 
C 1 4  DVA 4  8  8  DVA DVA D . n 
C 1 5  TRP 5  9  9  TRP TRP D . n 
C 1 6  DLE 6  10 10 DLE DLE D . n 
C 1 7  TRP 7  11 11 TRP TRP D . n 
C 1 8  DLE 8  12 12 DLE DLE D . n 
C 1 9  TRP 9  13 13 TRP TRP D . n 
C 1 10 DLE 10 14 14 DLE DLE D . n 
C 1 11 TRP 11 15 15 TRP TRP D . n 
C 1 12 ETA 12 16 16 ETA ETA D . n 
D 2 1  ALA 1  5  5  ALA ALA E . n 
D 2 2  DVA 2  6  6  DVA DVA E . n 
D 2 3  VAL 3  7  7  VAL VAL E . n 
D 2 4  DVA 4  8  8  DVA DVA E . n 
D 2 5  TRP 5  9  9  TRP TRP E . n 
D 2 6  DLE 6  10 10 DLE DLE E . n 
D 2 7  TRP 7  11 11 TRP TRP E . n 
D 2 8  DLE 8  12 12 DLE DLE E . n 
D 2 9  TRP 9  13 13 TRP TRP E . n 
D 2 10 DLE 10 14 14 DLE DLE E . n 
D 2 11 TRP 11 15 15 TRP TRP E . n 
D 2 12 ETA 12 16 16 ETA ETA E . n 
# 
_pdbx_molecule_features.prd_id    PRD_000154 
_pdbx_molecule_features.name      'MINI-GRAMICIDIN A DIMER' 
_pdbx_molecule_features.type      Polypeptide 
_pdbx_molecule_features.class     Antibiotic 
_pdbx_molecule_features.details   
'THE N-TERMINI OF THE TWO IDENTICAL PEPTIDES, EACH A TRUNCATED GRAMICIDIN A WERE LINKED BY A SUCCINIC ACID IN A HEAD-TO-HEAD MANNER.' 
# 
loop_
_pdbx_molecule.instance_id 
_pdbx_molecule.prd_id 
_pdbx_molecule.asym_id 
1 PRD_000154 A 
1 PRD_000154 B 
2 PRD_000154 C 
2 PRD_000154 D 
# 
_pdbx_struct_assembly.id                   1 
_pdbx_struct_assembly.details              author_defined_assembly 
_pdbx_struct_assembly.method_details       ? 
_pdbx_struct_assembly.oligomeric_details   tetrameric 
_pdbx_struct_assembly.oligomeric_count     4 
# 
_pdbx_struct_assembly_gen.assembly_id       1 
_pdbx_struct_assembly_gen.oper_expression   1 
_pdbx_struct_assembly_gen.asym_id_list      A,B,C,D 
# 
_pdbx_struct_oper_list.id                   1 
_pdbx_struct_oper_list.type                 'identity operation' 
_pdbx_struct_oper_list.name                 1_555 
_pdbx_struct_oper_list.symmetry_operation   x,y,z 
_pdbx_struct_oper_list.matrix[1][1]         1.0000000000 
_pdbx_struct_oper_list.matrix[1][2]         0.0000000000 
_pdbx_struct_oper_list.matrix[1][3]         0.0000000000 
_pdbx_struct_oper_list.vector[1]            0.0000000000 
_pdbx_struct_oper_list.matrix[2][1]         0.0000000000 
_pdbx_struct_oper_list.matrix[2][2]         1.0000000000 
_pdbx_struct_oper_list.matrix[2][3]         0.0000000000 
_pdbx_struct_oper_list.vector[2]            0.0000000000 
_pdbx_struct_oper_list.matrix[3][1]         0.0000000000 
_pdbx_struct_oper_list.matrix[3][2]         0.0000000000 
_pdbx_struct_oper_list.matrix[3][3]         1.0000000000 
_pdbx_struct_oper_list.vector[3]            0.0000000000 
# 
loop_
_pdbx_audit_revision_history.ordinal 
_pdbx_audit_revision_history.data_content_type 
_pdbx_audit_revision_history.major_revision 
_pdbx_audit_revision_history.minor_revision 
_pdbx_audit_revision_history.revision_date 
1  'Structure model' 1 0 2002-11-27 
2  'Structure model' 1 1 2011-06-14 
3  'Structure model' 1 2 2011-07-13 
4  'Structure model' 1 3 2011-07-27 
5  'Structure model' 1 4 2011-08-10 
6  'Structure model' 1 5 2012-12-12 
7  'Structure model' 1 6 2013-03-06 
8  'Structure model' 1 7 2013-03-27 
9  'Structure model' 1 8 2013-04-10 
10 'Structure model' 1 9 2018-07-18 
11 'Structure model' 2 0 2023-06-14 
12 'Structure model' 3 0 2023-11-15 
# 
_pdbx_audit_revision_details.ordinal             1 
_pdbx_audit_revision_details.revision_ordinal    1 
_pdbx_audit_revision_details.data_content_type   'Structure model' 
_pdbx_audit_revision_details.provider            repository 
_pdbx_audit_revision_details.type                'Initial release' 
_pdbx_audit_revision_details.description         ? 
_pdbx_audit_revision_details.details             ? 
# 
loop_
_pdbx_audit_revision_group.ordinal 
_pdbx_audit_revision_group.revision_ordinal 
_pdbx_audit_revision_group.data_content_type 
_pdbx_audit_revision_group.group 
1  2  'Structure model' 'Version format compliance' 
2  3  'Structure model' 'Version format compliance' 
3  4  'Structure model' 'Atomic model'              
4  4  'Structure model' 'Database references'       
5  4  'Structure model' 'Derived calculations'      
6  4  'Structure model' 'Non-polymer description'   
7  4  'Structure model' 'Structure summary'         
8  5  'Structure model' Advisory                    
9  6  'Structure model' Other                       
10 7  'Structure model' 'Structure summary'         
11 8  'Structure model' 'Database references'       
12 9  'Structure model' 'Derived calculations'      
13 10 'Structure model' 'Data collection'           
14 10 'Structure model' 'Structure summary'         
15 11 'Structure model' 'Atomic model'              
16 11 'Structure model' 'Data collection'           
17 11 'Structure model' 'Database references'       
18 11 'Structure model' 'Derived calculations'      
19 11 'Structure model' 'Non-polymer description'   
20 11 'Structure model' 'Polymer sequence'          
21 11 'Structure model' 'Source and taxonomy'       
22 11 'Structure model' 'Structure summary'         
23 12 'Structure model' 'Atomic model'              
24 12 'Structure model' 'Data collection'           
25 12 'Structure model' 'Derived calculations'      
# 
loop_
_pdbx_audit_revision_category.ordinal 
_pdbx_audit_revision_category.revision_ordinal 
_pdbx_audit_revision_category.data_content_type 
_pdbx_audit_revision_category.category 
1  10 'Structure model' pdbx_molecule_features   
2  11 'Structure model' atom_site                
3  11 'Structure model' chem_comp                
4  11 'Structure model' database_2               
5  11 'Structure model' entity                   
6  11 'Structure model' entity_poly              
7  11 'Structure model' entity_poly_seq          
8  11 'Structure model' pdbx_entity_nonpoly      
9  11 'Structure model' pdbx_entity_src_syn      
10 11 'Structure model' pdbx_molecule            
11 11 'Structure model' pdbx_nonpoly_scheme      
12 11 'Structure model' pdbx_poly_seq_scheme     
13 11 'Structure model' pdbx_struct_assembly_gen 
14 11 'Structure model' struct_asym              
15 11 'Structure model' struct_conn              
16 11 'Structure model' struct_ref               
17 11 'Structure model' struct_ref_seq           
18 11 'Structure model' struct_site              
19 11 'Structure model' struct_site_gen          
20 12 'Structure model' atom_site                
21 12 'Structure model' chem_comp_atom           
22 12 'Structure model' chem_comp_bond           
23 12 'Structure model' struct_conn              
# 
loop_
_pdbx_audit_revision_item.ordinal 
_pdbx_audit_revision_item.revision_ordinal 
_pdbx_audit_revision_item.data_content_type 
_pdbx_audit_revision_item.item 
1  10 'Structure model' '_pdbx_molecule_features.details'        
2  11 'Structure model' '_atom_site.Cartn_x'                     
3  11 'Structure model' '_atom_site.Cartn_y'                     
4  11 'Structure model' '_atom_site.Cartn_z'                     
5  11 'Structure model' '_atom_site.auth_asym_id'                
6  11 'Structure model' '_atom_site.auth_atom_id'                
7  11 'Structure model' '_atom_site.auth_comp_id'                
8  11 'Structure model' '_atom_site.auth_seq_id'                 
9  11 'Structure model' '_atom_site.group_PDB'                   
10 11 'Structure model' '_atom_site.label_asym_id'               
11 11 'Structure model' '_atom_site.label_atom_id'               
12 11 'Structure model' '_atom_site.label_comp_id'               
13 11 'Structure model' '_atom_site.label_entity_id'             
14 11 'Structure model' '_atom_site.label_seq_id'                
15 11 'Structure model' '_atom_site.type_symbol'                 
16 11 'Structure model' '_chem_comp.formula'                     
17 11 'Structure model' '_chem_comp.formula_weight'              
18 11 'Structure model' '_chem_comp.id'                          
19 11 'Structure model' '_chem_comp.mon_nstd_flag'               
20 11 'Structure model' '_chem_comp.name'                        
21 11 'Structure model' '_chem_comp.type'                        
22 11 'Structure model' '_database_2.pdbx_DOI'                   
23 11 'Structure model' '_database_2.pdbx_database_accession'    
24 11 'Structure model' '_entity.details'                        
25 11 'Structure model' '_entity.formula_weight'                 
26 11 'Structure model' '_entity.pdbx_description'               
27 11 'Structure model' '_entity.pdbx_number_of_molecules'       
28 11 'Structure model' '_entity.type'                           
29 11 'Structure model' '_pdbx_poly_seq_scheme.auth_mon_id'      
30 11 'Structure model' '_pdbx_poly_seq_scheme.entity_id'        
31 11 'Structure model' '_pdbx_poly_seq_scheme.mon_id'           
32 11 'Structure model' '_pdbx_poly_seq_scheme.pdb_mon_id'       
33 11 'Structure model' '_pdbx_struct_assembly_gen.asym_id_list' 
34 11 'Structure model' '_struct_ref_seq.pdbx_db_accession'      
35 11 'Structure model' '_struct_ref_seq.ref_id'                 
36 11 'Structure model' '_struct_site.pdbx_num_residues'         
37 12 'Structure model' '_atom_site.auth_atom_id'                
38 12 'Structure model' '_atom_site.label_atom_id'               
39 12 'Structure model' '_struct_conn.pdbx_leaving_atom_flag'    
# 
loop_
_software.name 
_software.classification 
_software.version 
_software.citation_id 
_software.pdbx_ordinal 
Felix2000 'data collection' . ? 1 
X-PLOR    refinement        . ? 2 
FELIX2000 'data reduction'  . ? 3 
# 
_pdbx_entry_details.entry_id                 1KQE 
_pdbx_entry_details.compound_details         
;GRAMICIDIN IS A HETEROGENEOUS MIXTURE OF SEVERAL COMPOUNDS
 INCLUDING GRAMICIDIN A, B AND C WHICH ARE OBTAINED FROM
 BACILLUS BREVIS AND CALLED COLLECTIVELY GRAMICIDIN D
 HERE, A MODIFIDED GRAMICIDIN A IS REPRESENTED BY TWO SEQUENCES
 (SEQRES) AND ONE HET (SIN)
;
_pdbx_entry_details.source_details           ? 
_pdbx_entry_details.nonpolymer_details       ? 
_pdbx_entry_details.sequence_details         ? 
_pdbx_entry_details.has_ligand_of_interest   ? 
# 
loop_
_pdbx_validate_close_contact.id 
_pdbx_validate_close_contact.PDB_model_num 
_pdbx_validate_close_contact.auth_atom_id_1 
_pdbx_validate_close_contact.auth_asym_id_1 
_pdbx_validate_close_contact.auth_comp_id_1 
_pdbx_validate_close_contact.auth_seq_id_1 
_pdbx_validate_close_contact.PDB_ins_code_1 
_pdbx_validate_close_contact.label_alt_id_1 
_pdbx_validate_close_contact.auth_atom_id_2 
_pdbx_validate_close_contact.auth_asym_id_2 
_pdbx_validate_close_contact.auth_comp_id_2 
_pdbx_validate_close_contact.auth_seq_id_2 
_pdbx_validate_close_contact.PDB_ins_code_2 
_pdbx_validate_close_contact.label_alt_id_2 
_pdbx_validate_close_contact.dist 
1 1 H A DLE 14 ? ? O E TRP 11 ? ? 1.52 
2 1 O A TRP 11 ? ? H E DLE 14 ? ? 1.53 
3 1 O B TRP 11 ? ? H D DLE 14 ? ? 1.55 
4 1 H B DLE 14 ? ? O D TRP 11 ? ? 1.56 
# 
loop_
_pdbx_validate_torsion.id 
_pdbx_validate_torsion.PDB_model_num 
_pdbx_validate_torsion.auth_comp_id 
_pdbx_validate_torsion.auth_asym_id 
_pdbx_validate_torsion.auth_seq_id 
_pdbx_validate_torsion.PDB_ins_code 
_pdbx_validate_torsion.label_alt_id 
_pdbx_validate_torsion.phi 
_pdbx_validate_torsion.psi 
1 1 DVA A 8  ? ? 124.00  165.26 
2 1 TRP A 13 ? ? -161.16 101.64 
3 1 DVA B 8  ? ? 125.10  167.57 
4 1 TRP B 13 ? ? -160.06 100.74 
5 1 TRP B 15 ? ? -156.63 38.50  
6 1 DVA D 8  ? ? 125.02  167.21 
7 1 TRP D 15 ? ? -156.98 42.47  
8 1 DVA E 8  ? ? 124.12  165.85 
# 
loop_
_pdbx_validate_main_chain_plane.id 
_pdbx_validate_main_chain_plane.PDB_model_num 
_pdbx_validate_main_chain_plane.auth_comp_id 
_pdbx_validate_main_chain_plane.auth_asym_id 
_pdbx_validate_main_chain_plane.auth_seq_id 
_pdbx_validate_main_chain_plane.PDB_ins_code 
_pdbx_validate_main_chain_plane.label_alt_id 
_pdbx_validate_main_chain_plane.improper_torsion_angle 
1 1 TRP A 15 ? ? 13.52 
2 1 TRP E 15 ? ? 13.77 
# 
loop_
_chem_comp_atom.comp_id 
_chem_comp_atom.atom_id 
_chem_comp_atom.type_symbol 
_chem_comp_atom.pdbx_aromatic_flag 
_chem_comp_atom.pdbx_stereo_config 
_chem_comp_atom.pdbx_ordinal 
ALA N    N N N 1   
ALA CA   C N S 2   
ALA C    C N N 3   
ALA O    O N N 4   
ALA CB   C N N 5   
ALA OXT  O N N 6   
ALA H    H N N 7   
ALA H2   H N N 8   
ALA HA   H N N 9   
ALA HB1  H N N 10  
ALA HB2  H N N 11  
ALA HB3  H N N 12  
ALA HXT  H N N 13  
DLE N    N N N 14  
DLE CA   C N R 15  
DLE CB   C N N 16  
DLE CG   C N N 17  
DLE CD1  C N N 18  
DLE CD2  C N N 19  
DLE C    C N N 20  
DLE O    O N N 21  
DLE OXT  O N N 22  
DLE H    H N N 23  
DLE H2   H N N 24  
DLE HA   H N N 25  
DLE HB2  H N N 26  
DLE HB3  H N N 27  
DLE HG   H N N 28  
DLE HD11 H N N 29  
DLE HD12 H N N 30  
DLE HD13 H N N 31  
DLE HD21 H N N 32  
DLE HD22 H N N 33  
DLE HD23 H N N 34  
DLE HXT  H N N 35  
DVA N    N N N 36  
DVA CA   C N R 37  
DVA CB   C N N 38  
DVA CG1  C N N 39  
DVA CG2  C N N 40  
DVA C    C N N 41  
DVA O    O N N 42  
DVA OXT  O N N 43  
DVA H    H N N 44  
DVA H2   H N N 45  
DVA HA   H N N 46  
DVA HB   H N N 47  
DVA HG11 H N N 48  
DVA HG12 H N N 49  
DVA HG13 H N N 50  
DVA HG21 H N N 51  
DVA HG22 H N N 52  
DVA HG23 H N N 53  
DVA HXT  H N N 54  
ETA CA   C N N 55  
ETA N    N N N 56  
ETA C    C N N 57  
ETA O    O N N 58  
ETA HA1  H N N 59  
ETA HA2  H N N 60  
ETA H    H N N 61  
ETA H2   H N N 62  
ETA HB1  H N N 63  
ETA HB2  H N N 64  
ETA HO   H N N 65  
TRP N    N N N 66  
TRP CA   C N S 67  
TRP C    C N N 68  
TRP O    O N N 69  
TRP CB   C N N 70  
TRP CG   C Y N 71  
TRP CD1  C Y N 72  
TRP CD2  C Y N 73  
TRP NE1  N Y N 74  
TRP CE2  C Y N 75  
TRP CE3  C Y N 76  
TRP CZ2  C Y N 77  
TRP CZ3  C Y N 78  
TRP CH2  C Y N 79  
TRP OXT  O N N 80  
TRP H    H N N 81  
TRP H2   H N N 82  
TRP HA   H N N 83  
TRP HB2  H N N 84  
TRP HB3  H N N 85  
TRP HD1  H N N 86  
TRP HE1  H N N 87  
TRP HE3  H N N 88  
TRP HZ2  H N N 89  
TRP HZ3  H N N 90  
TRP HH2  H N N 91  
TRP HXT  H N N 92  
VAL N    N N N 93  
VAL CA   C N S 94  
VAL C    C N N 95  
VAL O    O N N 96  
VAL CB   C N N 97  
VAL CG1  C N N 98  
VAL CG2  C N N 99  
VAL OXT  O N N 100 
VAL H    H N N 101 
VAL H2   H N N 102 
VAL HA   H N N 103 
VAL HB   H N N 104 
VAL HG11 H N N 105 
VAL HG12 H N N 106 
VAL HG13 H N N 107 
VAL HG21 H N N 108 
VAL HG22 H N N 109 
VAL HG23 H N N 110 
VAL HXT  H N N 111 
X5P N    N N N 112 
X5P CA   C N S 113 
X5P C    C N N 114 
X5P O    O N N 115 
X5P CB   C N N 116 
X5P C1   C N N 117 
X5P O1   O N N 118 
X5P C2   C N N 119 
X5P C3   C N N 120 
X5P C4   C N N 121 
X5P O3   O N N 122 
X5P OXT  O N N 123 
X5P O4   O N N 124 
X5P H    H N N 125 
X5P HA   H N N 126 
X5P HB2  H N N 127 
X5P HB1  H N N 128 
X5P HB3  H N N 129 
X5P H21  H N N 130 
X5P H22  H N N 131 
X5P H31  H N N 132 
X5P H32  H N N 133 
X5P HXT  H N N 134 
X5P H4   H N N 135 
# 
loop_
_chem_comp_bond.comp_id 
_chem_comp_bond.atom_id_1 
_chem_comp_bond.atom_id_2 
_chem_comp_bond.value_order 
_chem_comp_bond.pdbx_aromatic_flag 
_chem_comp_bond.pdbx_stereo_config 
_chem_comp_bond.pdbx_ordinal 
ALA N   CA   sing N N 1   
ALA N   H    sing N N 2   
ALA N   H2   sing N N 3   
ALA CA  C    sing N N 4   
ALA CA  CB   sing N N 5   
ALA CA  HA   sing N N 6   
ALA C   O    doub N N 7   
ALA C   OXT  sing N N 8   
ALA CB  HB1  sing N N 9   
ALA CB  HB2  sing N N 10  
ALA CB  HB3  sing N N 11  
ALA OXT HXT  sing N N 12  
DLE N   CA   sing N N 13  
DLE N   H    sing N N 14  
DLE N   H2   sing N N 15  
DLE CA  CB   sing N N 16  
DLE CA  C    sing N N 17  
DLE CA  HA   sing N N 18  
DLE CB  CG   sing N N 19  
DLE CB  HB2  sing N N 20  
DLE CB  HB3  sing N N 21  
DLE CG  CD1  sing N N 22  
DLE CG  CD2  sing N N 23  
DLE CG  HG   sing N N 24  
DLE CD1 HD11 sing N N 25  
DLE CD1 HD12 sing N N 26  
DLE CD1 HD13 sing N N 27  
DLE CD2 HD21 sing N N 28  
DLE CD2 HD22 sing N N 29  
DLE CD2 HD23 sing N N 30  
DLE C   O    doub N N 31  
DLE C   OXT  sing N N 32  
DLE OXT HXT  sing N N 33  
DVA N   CA   sing N N 34  
DVA N   H    sing N N 35  
DVA N   H2   sing N N 36  
DVA CA  CB   sing N N 37  
DVA CA  C    sing N N 38  
DVA CA  HA   sing N N 39  
DVA CB  CG1  sing N N 40  
DVA CB  CG2  sing N N 41  
DVA CB  HB   sing N N 42  
DVA CG1 HG11 sing N N 43  
DVA CG1 HG12 sing N N 44  
DVA CG1 HG13 sing N N 45  
DVA CG2 HG21 sing N N 46  
DVA CG2 HG22 sing N N 47  
DVA CG2 HG23 sing N N 48  
DVA C   O    doub N N 49  
DVA C   OXT  sing N N 50  
DVA OXT HXT  sing N N 51  
ETA CA  N    sing N N 52  
ETA CA  C    sing N N 53  
ETA CA  HA1  sing N N 54  
ETA CA  HA2  sing N N 55  
ETA N   H    sing N N 56  
ETA N   H2   sing N N 57  
ETA C   O    sing N N 58  
ETA C   HB1  sing N N 59  
ETA C   HB2  sing N N 60  
ETA O   HO   sing N N 61  
TRP N   CA   sing N N 62  
TRP N   H    sing N N 63  
TRP N   H2   sing N N 64  
TRP CA  C    sing N N 65  
TRP CA  CB   sing N N 66  
TRP CA  HA   sing N N 67  
TRP C   O    doub N N 68  
TRP C   OXT  sing N N 69  
TRP CB  CG   sing N N 70  
TRP CB  HB2  sing N N 71  
TRP CB  HB3  sing N N 72  
TRP CG  CD1  doub Y N 73  
TRP CG  CD2  sing Y N 74  
TRP CD1 NE1  sing Y N 75  
TRP CD1 HD1  sing N N 76  
TRP CD2 CE2  doub Y N 77  
TRP CD2 CE3  sing Y N 78  
TRP NE1 CE2  sing Y N 79  
TRP NE1 HE1  sing N N 80  
TRP CE2 CZ2  sing Y N 81  
TRP CE3 CZ3  doub Y N 82  
TRP CE3 HE3  sing N N 83  
TRP CZ2 CH2  doub Y N 84  
TRP CZ2 HZ2  sing N N 85  
TRP CZ3 CH2  sing Y N 86  
TRP CZ3 HZ3  sing N N 87  
TRP CH2 HH2  sing N N 88  
TRP OXT HXT  sing N N 89  
VAL N   CA   sing N N 90  
VAL N   H    sing N N 91  
VAL N   H2   sing N N 92  
VAL CA  C    sing N N 93  
VAL CA  CB   sing N N 94  
VAL CA  HA   sing N N 95  
VAL C   O    doub N N 96  
VAL C   OXT  sing N N 97  
VAL CB  CG1  sing N N 98  
VAL CB  CG2  sing N N 99  
VAL CB  HB   sing N N 100 
VAL CG1 HG11 sing N N 101 
VAL CG1 HG12 sing N N 102 
VAL CG1 HG13 sing N N 103 
VAL CG2 HG21 sing N N 104 
VAL CG2 HG22 sing N N 105 
VAL CG2 HG23 sing N N 106 
VAL OXT HXT  sing N N 107 
X5P CB  CA   sing N N 108 
X5P O   C    doub N N 109 
X5P CA  C    sing N N 110 
X5P CA  N    sing N N 111 
X5P O3  C4   doub N N 112 
X5P N   C4   sing N N 113 
X5P C4  C3   sing N N 114 
X5P C2  C3   sing N N 115 
X5P C2  C1   sing N N 116 
X5P C1  O1   doub N N 117 
X5P C   OXT  sing N N 118 
X5P C1  O4   sing N N 119 
X5P N   H    sing N N 120 
X5P CA  HA   sing N N 121 
X5P CB  HB2  sing N N 122 
X5P CB  HB1  sing N N 123 
X5P CB  HB3  sing N N 124 
X5P C2  H21  sing N N 125 
X5P C2  H22  sing N N 126 
X5P C3  H31  sing N N 127 
X5P C3  H32  sing N N 128 
X5P OXT HXT  sing N N 129 
X5P O4  H4   sing N N 130 
# 
